data_6IDY
#
_entry.id   6IDY
#
_cell.length_a   152.190
_cell.length_b   152.190
_cell.length_c   134.290
_cell.angle_alpha   90.00
_cell.angle_beta   90.00
_cell.angle_gamma   90.00
#
_symmetry.space_group_name_H-M   'P 41 21 2'
#
loop_
_entity.id
_entity.type
_entity.pdbx_description
1 polymer 'lipase aflb'
2 non-polymer 'CALCIUM ION'
3 non-polymer 'SULFATE ION'
4 water water
#
_entity_poly.entity_id   1
_entity_poly.type   'polypeptide(L)'
_entity_poly.pdbx_seq_one_letter_code
;AVIPRGAVPVASDLSLVSILSSAANDSSIESEARSIASLIASEIVSKIGKTEFSRSTKDAKSVQEAFDKIQSIFADGTPD
FLKMTREILTVGLIPADILSFLNGYLNLDLNSIHNRNPSPKGQAIYPVKAPGDARYSVAENALRAAIHIPASFGYGKNGK
KPVILVPGTATPAGTTYYFNFGKLGSAADADVVWLNIPQASLNDVQINSEYVAYAINYISAISESNVAVLSWSQGGLDTQ
WALKYWPSTRKVVDDFIAISPDFHGTVMRSLVCPWLAALACTPSLWQQGWNTEFIRTLRGGGGDSAYVPTTTIYSTFDEI
VQPMSGSQASAILSDSRAVGVSNNHLQTICGGKPAGGVYTHEGVLYNPLAWALAVDALSHDGPGDPSRLDLDVVCGRVLP
PQLGLDDLLGTEGLLLIALAEVLAYKPKTFGEPAIASYAH
;
_entity_poly.pdbx_strand_id   A,B,C
#
loop_
_chem_comp.id
_chem_comp.type
_chem_comp.name
_chem_comp.formula
CA non-polymer 'CALCIUM ION' 'Ca 2'
SO4 non-polymer 'SULFATE ION' 'O4 S -2'
#
# COMPACT_ATOMS: atom_id res chain seq x y z
N LEU A 14 -6.44 28.47 10.84
CA LEU A 14 -5.98 27.15 11.28
C LEU A 14 -5.13 27.26 12.55
N SER A 15 -5.09 26.17 13.34
CA SER A 15 -4.35 26.11 14.61
C SER A 15 -3.60 24.79 14.77
N LEU A 16 -2.73 24.71 15.80
CA LEU A 16 -1.97 23.51 16.14
C LEU A 16 -2.95 22.38 16.45
N VAL A 17 -4.05 22.68 17.18
CA VAL A 17 -5.12 21.76 17.53
C VAL A 17 -5.80 21.21 16.27
N SER A 18 -6.24 22.09 15.34
CA SER A 18 -6.91 21.70 14.09
C SER A 18 -6.01 20.84 13.18
N ILE A 19 -4.73 21.23 13.03
CA ILE A 19 -3.77 20.46 12.21
C ILE A 19 -3.60 19.05 12.78
N LEU A 20 -3.37 18.94 14.09
CA LEU A 20 -3.18 17.65 14.76
C LEU A 20 -4.45 16.79 14.79
N SER A 21 -5.64 17.42 14.91
CA SER A 21 -6.92 16.69 14.90
C SER A 21 -7.20 16.12 13.52
N SER A 22 -6.87 16.90 12.46
CA SER A 22 -7.01 16.49 11.06
C SER A 22 -6.05 15.33 10.77
N ALA A 23 -4.79 15.43 11.26
CA ALA A 23 -3.76 14.39 11.11
C ALA A 23 -4.15 13.08 11.79
N ALA A 24 -4.82 13.17 12.95
CA ALA A 24 -5.32 12.01 13.71
C ALA A 24 -6.38 11.27 12.90
N ASN A 25 -7.13 12.01 12.06
CA ASN A 25 -8.19 11.47 11.21
C ASN A 25 -7.73 11.33 9.74
N ASP A 26 -6.41 11.40 9.53
CA ASP A 26 -5.81 11.29 8.21
C ASP A 26 -5.29 9.87 8.00
N SER A 27 -5.99 9.14 7.10
CA SER A 27 -5.71 7.76 6.71
C SER A 27 -4.31 7.55 6.08
N SER A 28 -3.71 8.63 5.52
CA SER A 28 -2.38 8.57 4.90
C SER A 28 -1.27 8.43 5.93
N ILE A 29 -1.52 8.90 7.16
CA ILE A 29 -0.59 8.88 8.29
C ILE A 29 -0.55 7.49 8.96
N GLU A 30 0.64 7.07 9.43
CA GLU A 30 0.87 5.80 10.14
C GLU A 30 0.14 5.81 11.48
N SER A 31 -0.34 4.61 11.91
CA SER A 31 -1.10 4.38 13.15
C SER A 31 -0.53 5.08 14.39
N GLU A 32 0.77 4.91 14.65
CA GLU A 32 1.47 5.48 15.80
C GLU A 32 1.47 7.01 15.80
N ALA A 33 1.70 7.64 14.63
CA ALA A 33 1.71 9.10 14.51
C ALA A 33 0.31 9.69 14.66
N ARG A 34 -0.74 9.00 14.16
CA ARG A 34 -2.15 9.40 14.30
C ARG A 34 -2.53 9.45 15.79
N SER A 35 -2.13 8.42 16.57
CA SER A 35 -2.37 8.30 18.01
C SER A 35 -1.70 9.44 18.78
N ILE A 36 -0.44 9.75 18.42
CA ILE A 36 0.34 10.83 19.04
C ILE A 36 -0.32 12.18 18.76
N ALA A 37 -0.76 12.40 17.50
CA ALA A 37 -1.46 13.62 17.07
C ALA A 37 -2.77 13.78 17.85
N SER A 38 -3.56 12.69 17.98
CA SER A 38 -4.83 12.68 18.71
C SER A 38 -4.60 13.01 20.19
N LEU A 39 -3.62 12.30 20.84
CA LEU A 39 -3.23 12.49 22.23
C LEU A 39 -2.83 13.94 22.50
N ILE A 40 -2.01 14.52 21.61
CA ILE A 40 -1.53 15.90 21.73
C ILE A 40 -2.68 16.90 21.56
N ALA A 41 -3.51 16.74 20.51
CA ALA A 41 -4.66 17.62 20.25
C ALA A 41 -5.64 17.62 21.44
N SER A 42 -5.90 16.43 22.05
CA SER A 42 -6.79 16.31 23.19
C SER A 42 -6.14 16.87 24.48
N GLU A 43 -4.83 16.68 24.64
CA GLU A 43 -4.08 17.19 25.80
C GLU A 43 -3.99 18.73 25.79
N ILE A 44 -3.89 19.33 24.60
CA ILE A 44 -3.84 20.79 24.46
C ILE A 44 -5.18 21.40 24.88
N VAL A 45 -6.31 20.98 24.26
CA VAL A 45 -7.67 21.47 24.57
C VAL A 45 -8.04 21.27 26.06
N SER A 46 -7.57 20.17 26.68
CA SER A 46 -7.79 19.85 28.10
C SER A 46 -7.01 20.81 29.00
N LYS A 47 -5.72 21.06 28.66
CA LYS A 47 -4.85 21.96 29.44
C LYS A 47 -5.26 23.43 29.32
N ILE A 48 -5.70 23.88 28.11
CA ILE A 48 -6.14 25.27 27.84
C ILE A 48 -7.26 25.70 28.80
N ARG A 55 -1.35 29.02 37.27
CA ARG A 55 -0.92 27.78 36.64
C ARG A 55 -1.48 26.53 37.36
N SER A 56 -1.14 25.32 36.84
CA SER A 56 -1.59 24.03 37.35
C SER A 56 -0.56 23.38 38.30
N THR A 57 -1.01 22.38 39.10
CA THR A 57 -0.20 21.63 40.07
C THR A 57 0.89 20.79 39.39
N LYS A 58 0.63 20.28 38.18
CA LYS A 58 1.58 19.46 37.43
C LYS A 58 2.67 20.29 36.76
N ASP A 59 2.45 21.62 36.60
CA ASP A 59 3.41 22.54 35.96
C ASP A 59 4.72 22.67 36.73
N ALA A 60 5.81 22.99 36.01
CA ALA A 60 7.12 23.19 36.62
C ALA A 60 7.09 24.50 37.41
N LYS A 61 7.40 24.44 38.70
CA LYS A 61 7.43 25.59 39.61
C LYS A 61 8.77 26.32 39.49
N SER A 62 9.79 25.60 39.01
CA SER A 62 11.14 26.10 38.87
C SER A 62 11.83 25.47 37.65
N VAL A 63 13.05 25.94 37.35
CA VAL A 63 13.90 25.47 36.25
C VAL A 63 14.33 24.01 36.52
N GLN A 64 14.67 23.69 37.79
CA GLN A 64 15.07 22.34 38.19
C GLN A 64 13.91 21.34 37.98
N GLU A 65 12.67 21.75 38.26
CA GLU A 65 11.48 20.91 38.05
C GLU A 65 11.30 20.58 36.57
N ALA A 66 11.58 21.56 35.68
CA ALA A 66 11.48 21.40 34.23
C ALA A 66 12.51 20.36 33.76
N PHE A 67 13.76 20.45 34.28
CA PHE A 67 14.83 19.50 33.94
C PHE A 67 14.55 18.12 34.50
N ASP A 68 13.90 18.03 35.69
CA ASP A 68 13.51 16.77 36.32
C ASP A 68 12.51 16.04 35.40
N LYS A 69 11.58 16.80 34.79
CA LYS A 69 10.60 16.26 33.84
C LYS A 69 11.29 15.76 32.58
N ILE A 70 12.28 16.53 32.05
CA ILE A 70 13.06 16.13 30.86
C ILE A 70 13.84 14.83 31.15
N GLN A 71 14.51 14.77 32.33
CA GLN A 71 15.28 13.61 32.78
C GLN A 71 14.40 12.36 32.99
N SER A 72 13.10 12.57 33.31
CA SER A 72 12.11 11.51 33.46
C SER A 72 11.82 10.89 32.08
N ILE A 73 11.81 11.72 31.01
CA ILE A 73 11.59 11.28 29.62
C ILE A 73 12.81 10.44 29.18
N PHE A 74 14.01 10.83 29.63
CA PHE A 74 15.29 10.19 29.30
C PHE A 74 15.65 9.00 30.20
N ALA A 75 14.74 8.62 31.14
CA ALA A 75 14.95 7.51 32.10
C ALA A 75 15.24 6.15 31.45
N ASP A 76 14.61 5.86 30.31
CA ASP A 76 14.79 4.61 29.57
C ASP A 76 15.75 4.77 28.40
N GLY A 77 16.44 5.91 28.38
CA GLY A 77 17.42 6.26 27.36
C GLY A 77 17.00 7.46 26.57
N THR A 78 17.86 7.91 25.65
CA THR A 78 17.55 9.05 24.78
C THR A 78 16.38 8.63 23.86
N PRO A 79 15.22 9.32 23.93
CA PRO A 79 14.09 8.93 23.06
C PRO A 79 14.32 9.37 21.61
N ASP A 80 13.37 9.06 20.71
CA ASP A 80 13.43 9.56 19.35
C ASP A 80 12.48 10.77 19.28
N PHE A 81 12.30 11.39 18.09
CA PHE A 81 11.43 12.56 17.94
C PHE A 81 10.00 12.33 18.41
N LEU A 82 9.36 11.24 17.94
CA LEU A 82 7.97 10.91 18.29
C LEU A 82 7.77 10.65 19.78
N LYS A 83 8.70 9.90 20.43
CA LYS A 83 8.61 9.64 21.87
C LYS A 83 8.79 10.92 22.66
N MET A 84 9.81 11.73 22.32
CA MET A 84 10.07 13.01 22.96
C MET A 84 8.82 13.91 22.91
N THR A 85 8.22 14.08 21.72
CA THR A 85 7.02 14.91 21.48
C THR A 85 5.82 14.45 22.29
N ARG A 86 5.59 13.12 22.35
CA ARG A 86 4.48 12.53 23.11
C ARG A 86 4.68 12.74 24.63
N GLU A 87 5.88 12.46 25.14
CA GLU A 87 6.20 12.54 26.57
C GLU A 87 6.25 13.96 27.13
N ILE A 88 6.55 14.97 26.27
CA ILE A 88 6.58 16.40 26.59
C ILE A 88 5.24 16.81 27.24
N LEU A 89 4.11 16.32 26.69
CA LEU A 89 2.79 16.60 27.26
C LEU A 89 2.42 15.65 28.40
N THR A 90 2.83 14.37 28.31
CA THR A 90 2.54 13.33 29.33
C THR A 90 3.10 13.75 30.71
N VAL A 91 4.32 14.32 30.73
CA VAL A 91 4.97 14.79 31.96
C VAL A 91 4.47 16.19 32.38
N GLY A 92 3.63 16.80 31.54
CA GLY A 92 3.06 18.13 31.78
C GLY A 92 4.08 19.25 31.79
N LEU A 93 5.06 19.18 30.88
CA LEU A 93 6.11 20.20 30.79
C LEU A 93 5.62 21.54 30.24
N ILE A 94 4.62 21.52 29.34
CA ILE A 94 4.14 22.74 28.71
C ILE A 94 2.89 23.28 29.42
N PRO A 95 3.00 24.48 30.06
CA PRO A 95 1.81 25.05 30.69
C PRO A 95 0.85 25.63 29.65
N ALA A 96 -0.41 25.83 30.07
CA ALA A 96 -1.52 26.33 29.27
C ALA A 96 -1.24 27.62 28.50
N ASP A 97 -0.61 28.63 29.16
CA ASP A 97 -0.29 29.91 28.53
C ASP A 97 0.71 29.76 27.37
N ILE A 98 1.71 28.89 27.53
CA ILE A 98 2.71 28.61 26.50
C ILE A 98 2.03 27.81 25.37
N LEU A 99 1.22 26.78 25.73
CA LEU A 99 0.45 25.97 24.78
C LEU A 99 -0.48 26.84 23.93
N SER A 100 -1.16 27.82 24.57
CA SER A 100 -2.06 28.77 23.90
C SER A 100 -1.31 29.60 22.86
N PHE A 101 -0.09 30.08 23.22
CA PHE A 101 0.77 30.88 22.34
C PHE A 101 1.25 30.02 21.16
N LEU A 102 1.73 28.79 21.43
CA LEU A 102 2.20 27.84 20.42
C LEU A 102 1.07 27.43 19.46
N ASN A 103 -0.17 27.33 20.01
CA ASN A 103 -1.37 26.97 19.25
C ASN A 103 -1.69 27.94 18.10
N GLY A 104 -1.41 29.23 18.30
CA GLY A 104 -1.65 30.26 17.31
C GLY A 104 -0.44 30.69 16.49
N TYR A 105 0.53 29.78 16.29
CA TYR A 105 1.77 30.05 15.55
C TYR A 105 1.57 30.42 14.06
N LEU A 106 0.59 29.79 13.36
CA LEU A 106 0.33 30.03 11.93
C LEU A 106 -0.08 31.46 11.60
N ASN A 107 -0.88 32.09 12.46
CA ASN A 107 -1.36 33.45 12.26
C ASN A 107 -0.47 34.50 12.95
N LEU A 108 0.59 34.05 13.65
CA LEU A 108 1.54 34.92 14.34
C LEU A 108 2.38 35.71 13.33
N ASP A 109 2.48 37.04 13.53
CA ASP A 109 3.23 37.96 12.67
C ASP A 109 4.72 37.64 12.57
N LEU A 110 5.33 37.11 13.66
CA LEU A 110 6.75 36.73 13.71
C LEU A 110 7.10 35.57 12.78
N ASN A 111 6.09 34.74 12.40
CA ASN A 111 6.29 33.57 11.53
C ASN A 111 5.98 33.85 10.05
N SER A 112 5.55 35.07 9.74
CA SER A 112 5.19 35.50 8.40
C SER A 112 6.28 35.27 7.34
N ILE A 113 5.86 34.79 6.17
CA ILE A 113 6.72 34.58 4.99
C ILE A 113 6.32 35.68 3.97
N HIS A 114 5.51 36.66 4.43
CA HIS A 114 5.01 37.78 3.62
C HIS A 114 5.38 39.14 4.19
N ASN A 115 6.63 39.28 4.66
CA ASN A 115 7.16 40.52 5.23
C ASN A 115 7.36 41.54 4.12
N ARG A 116 7.18 42.83 4.43
CA ARG A 116 7.33 43.90 3.45
C ARG A 116 8.61 44.67 3.70
N ASN A 117 9.66 44.26 2.99
CA ASN A 117 11.01 44.79 3.12
C ASN A 117 11.39 45.64 1.90
N PRO A 118 12.11 46.77 2.08
CA PRO A 118 12.46 47.61 0.93
C PRO A 118 13.49 46.98 -0.01
N SER A 119 13.52 47.45 -1.27
CA SER A 119 14.48 46.99 -2.28
C SER A 119 15.91 47.34 -1.80
N PRO A 120 16.89 46.41 -1.92
CA PRO A 120 18.24 46.74 -1.44
C PRO A 120 18.95 47.76 -2.33
N LYS A 121 19.80 48.61 -1.72
CA LYS A 121 20.55 49.62 -2.45
C LYS A 121 22.01 49.19 -2.62
N GLY A 122 22.65 49.69 -3.65
CA GLY A 122 24.04 49.39 -3.98
C GLY A 122 24.15 48.39 -5.13
N GLN A 123 25.22 47.57 -5.10
CA GLN A 123 25.46 46.55 -6.13
C GLN A 123 24.35 45.49 -6.13
N ALA A 124 23.96 45.03 -7.33
CA ALA A 124 22.91 44.02 -7.50
C ALA A 124 23.25 42.73 -6.76
N ILE A 125 22.26 42.16 -6.06
CA ILE A 125 22.42 40.91 -5.32
C ILE A 125 21.52 39.84 -5.93
N TYR A 126 20.75 40.22 -6.97
CA TYR A 126 19.82 39.35 -7.67
C TYR A 126 19.71 39.78 -9.14
N PRO A 127 19.72 38.84 -10.12
CA PRO A 127 19.80 37.37 -9.97
C PRO A 127 21.17 36.81 -9.56
N VAL A 128 22.27 37.55 -9.81
CA VAL A 128 23.62 37.08 -9.51
C VAL A 128 24.44 38.21 -8.87
N LYS A 129 24.83 38.06 -7.59
CA LYS A 129 25.67 39.07 -6.93
C LYS A 129 27.08 39.06 -7.53
N ALA A 130 27.70 37.88 -7.64
CA ALA A 130 29.04 37.78 -8.19
C ALA A 130 29.18 36.54 -9.07
N PRO A 131 30.00 36.58 -10.15
CA PRO A 131 30.21 35.36 -10.95
C PRO A 131 30.69 34.20 -10.08
N GLY A 132 30.08 33.04 -10.27
CA GLY A 132 30.38 31.84 -9.49
C GLY A 132 29.25 31.45 -8.56
N ASP A 133 28.33 32.39 -8.27
CA ASP A 133 27.17 32.12 -7.43
C ASP A 133 26.19 31.27 -8.21
N ALA A 134 25.53 30.33 -7.52
CA ALA A 134 24.52 29.47 -8.12
C ALA A 134 23.31 30.32 -8.51
N ARG A 135 22.61 29.94 -9.58
CA ARG A 135 21.41 30.66 -10.00
C ARG A 135 20.29 30.43 -9.00
N TYR A 136 19.49 31.46 -8.74
CA TYR A 136 18.36 31.32 -7.85
C TYR A 136 17.21 30.72 -8.65
N SER A 137 16.49 29.77 -8.04
CA SER A 137 15.32 29.17 -8.68
C SER A 137 14.07 29.88 -8.15
N VAL A 138 14.21 30.51 -6.96
CA VAL A 138 13.13 31.24 -6.27
C VAL A 138 13.17 32.72 -6.68
N ALA A 139 11.98 33.34 -6.87
CA ALA A 139 11.86 34.76 -7.23
C ALA A 139 12.36 35.64 -6.08
N GLU A 140 12.92 36.81 -6.40
CA GLU A 140 13.47 37.77 -5.42
C GLU A 140 12.43 38.20 -4.37
N ASN A 141 11.19 38.49 -4.82
CA ASN A 141 10.11 38.93 -3.92
C ASN A 141 9.79 37.89 -2.85
N ALA A 142 9.79 36.60 -3.21
CA ALA A 142 9.56 35.48 -2.29
C ALA A 142 10.74 35.32 -1.31
N LEU A 143 11.99 35.44 -1.81
CA LEU A 143 13.21 35.33 -1.00
C LEU A 143 13.25 36.45 0.05
N ARG A 144 13.04 37.71 -0.39
CA ARG A 144 13.05 38.89 0.48
C ARG A 144 11.90 38.88 1.49
N ALA A 145 10.70 38.41 1.09
CA ALA A 145 9.53 38.36 1.97
C ALA A 145 9.65 37.36 3.12
N ALA A 146 10.60 36.40 3.02
CA ALA A 146 10.87 35.39 4.05
C ALA A 146 11.61 36.01 5.25
N ILE A 147 12.24 37.19 5.04
CA ILE A 147 13.03 37.86 6.07
C ILE A 147 12.16 38.71 6.98
N HIS A 148 12.16 38.41 8.28
CA HIS A 148 11.44 39.22 9.25
C HIS A 148 12.44 40.18 9.86
N ILE A 149 12.33 41.47 9.50
CA ILE A 149 13.18 42.54 10.00
C ILE A 149 12.40 43.28 11.10
N PRO A 150 12.77 43.12 12.38
CA PRO A 150 12.04 43.84 13.44
C PRO A 150 12.16 45.34 13.27
N ALA A 151 11.10 46.09 13.64
CA ALA A 151 11.06 47.55 13.55
C ALA A 151 12.21 48.24 14.32
N SER A 152 12.84 47.51 15.26
CA SER A 152 13.96 48.01 16.06
C SER A 152 15.33 47.82 15.40
N PHE A 153 15.41 47.05 14.27
CA PHE A 153 16.66 46.81 13.53
C PHE A 153 17.36 48.12 13.18
N GLY A 154 18.65 48.19 13.52
CA GLY A 154 19.48 49.38 13.36
C GLY A 154 20.30 49.54 12.11
N TYR A 155 20.19 48.59 11.15
CA TYR A 155 20.86 48.63 9.85
C TYR A 155 22.38 48.88 9.93
N GLY A 156 23.03 48.34 10.96
CA GLY A 156 24.46 48.49 11.22
C GLY A 156 24.96 49.91 11.42
N LYS A 157 24.09 50.80 11.94
CA LYS A 157 24.40 52.22 12.19
C LYS A 157 24.61 52.52 13.68
N ASN A 158 24.35 51.53 14.55
CA ASN A 158 24.41 51.62 16.01
C ASN A 158 25.51 50.79 16.70
N GLY A 159 26.43 50.23 15.91
CA GLY A 159 27.51 49.39 16.43
C GLY A 159 27.06 47.97 16.77
N LYS A 160 25.84 47.59 16.30
CA LYS A 160 25.28 46.28 16.54
C LYS A 160 25.40 45.46 15.27
N LYS A 161 26.06 44.31 15.36
CA LYS A 161 26.26 43.41 14.23
C LYS A 161 24.95 42.72 13.86
N PRO A 162 24.49 42.82 12.59
CA PRO A 162 23.26 42.10 12.19
C PRO A 162 23.47 40.60 12.29
N VAL A 163 22.53 39.89 12.93
CA VAL A 163 22.59 38.43 13.11
C VAL A 163 21.35 37.79 12.50
N ILE A 164 21.56 36.92 11.49
CA ILE A 164 20.49 36.22 10.81
C ILE A 164 20.22 34.92 11.55
N LEU A 165 18.99 34.78 12.08
CA LEU A 165 18.56 33.58 12.79
C LEU A 165 17.89 32.64 11.80
N VAL A 166 18.56 31.50 11.53
CA VAL A 166 18.11 30.49 10.56
C VAL A 166 17.39 29.35 11.30
N PRO A 167 16.14 29.02 10.92
CA PRO A 167 15.39 27.99 11.65
C PRO A 167 15.81 26.57 11.32
N GLY A 168 15.27 25.62 12.09
CA GLY A 168 15.48 24.19 11.90
C GLY A 168 14.30 23.55 11.21
N THR A 169 14.33 22.22 11.13
CA THR A 169 13.30 21.41 10.48
C THR A 169 11.93 21.56 11.11
N ALA A 170 10.90 21.73 10.25
CA ALA A 170 9.47 21.77 10.56
C ALA A 170 9.06 22.86 11.57
N THR A 171 9.98 23.76 11.94
CA THR A 171 9.68 24.77 12.95
C THR A 171 9.96 26.18 12.44
N PRO A 172 8.95 27.08 12.41
CA PRO A 172 9.20 28.46 11.95
C PRO A 172 10.18 29.20 12.85
N ALA A 173 11.00 30.08 12.25
CA ALA A 173 12.00 30.88 12.93
C ALA A 173 11.45 31.75 14.04
N GLY A 174 10.39 32.48 13.74
CA GLY A 174 9.73 33.41 14.66
C GLY A 174 9.43 32.82 16.00
N THR A 175 8.69 31.69 16.03
CA THR A 175 8.35 31.01 17.27
C THR A 175 9.58 30.37 17.91
N THR A 176 10.43 29.69 17.12
CA THR A 176 11.67 29.04 17.56
C THR A 176 12.55 29.97 18.40
N TYR A 177 12.86 31.14 17.85
CA TYR A 177 13.78 32.07 18.48
C TYR A 177 13.15 33.01 19.50
N TYR A 178 11.81 33.07 19.55
CA TYR A 178 11.08 33.87 20.54
C TYR A 178 11.49 33.45 21.96
N PHE A 179 11.68 32.13 22.17
CA PHE A 179 12.05 31.54 23.45
C PHE A 179 13.55 31.35 23.68
N ASN A 180 14.41 31.93 22.82
CA ASN A 180 15.85 31.77 23.04
C ASN A 180 16.67 32.87 22.35
N PHE A 181 17.42 32.53 21.28
CA PHE A 181 18.36 33.44 20.61
C PHE A 181 17.73 34.67 19.95
N GLY A 182 16.40 34.81 19.98
CA GLY A 182 15.75 36.03 19.53
C GLY A 182 16.13 37.15 20.49
N LYS A 183 16.63 36.76 21.70
CA LYS A 183 17.10 37.63 22.80
C LYS A 183 18.63 37.78 22.83
N LEU A 184 19.34 37.37 21.75
CA LEU A 184 20.82 37.46 21.66
C LEU A 184 21.35 38.90 21.83
N GLY A 185 20.57 39.89 21.40
CA GLY A 185 20.89 41.31 21.55
C GLY A 185 21.04 41.76 23.00
N SER A 186 20.48 40.97 23.94
CA SER A 186 20.60 41.24 25.39
C SER A 186 21.93 40.73 25.94
N ALA A 187 22.66 39.89 25.16
CA ALA A 187 23.93 39.28 25.57
C ALA A 187 25.14 39.74 24.77
N ALA A 188 24.91 40.14 23.51
CA ALA A 188 25.95 40.56 22.57
C ALA A 188 25.50 41.82 21.83
N ASP A 189 26.44 42.48 21.11
CA ASP A 189 26.16 43.66 20.29
C ASP A 189 25.67 43.09 18.94
N ALA A 190 24.49 42.47 19.00
CA ALA A 190 23.82 41.76 17.93
C ALA A 190 22.44 42.33 17.64
N ASP A 191 22.10 42.46 16.36
CA ASP A 191 20.83 42.99 15.87
C ASP A 191 20.17 41.88 15.08
N VAL A 192 19.27 41.13 15.74
CA VAL A 192 18.65 39.95 15.15
C VAL A 192 17.60 40.24 14.08
N VAL A 193 17.58 39.36 13.08
CA VAL A 193 16.58 39.25 12.03
C VAL A 193 16.33 37.75 11.93
N TRP A 194 15.13 37.33 11.54
CA TRP A 194 14.94 35.89 11.41
C TRP A 194 14.33 35.54 10.07
N LEU A 195 14.71 34.37 9.58
CA LEU A 195 14.29 33.90 8.27
C LEU A 195 13.20 32.86 8.38
N ASN A 196 11.97 33.23 8.01
CA ASN A 196 10.88 32.25 8.02
C ASN A 196 10.90 31.55 6.67
N ILE A 197 11.53 30.37 6.62
CA ILE A 197 11.64 29.57 5.39
C ILE A 197 10.25 28.99 5.06
N PRO A 198 9.70 29.25 3.84
CA PRO A 198 8.36 28.71 3.49
C PRO A 198 8.29 27.19 3.60
N GLN A 199 7.12 26.69 4.05
CA GLN A 199 6.83 25.27 4.29
C GLN A 199 7.64 24.76 5.49
N ALA A 200 8.06 25.70 6.37
CA ALA A 200 8.82 25.48 7.60
C ALA A 200 10.00 24.53 7.41
N SER A 201 10.85 24.81 6.40
CA SER A 201 12.07 24.03 6.09
C SER A 201 11.81 22.54 5.76
N LEU A 202 10.58 22.17 5.38
CA LEU A 202 10.25 20.77 5.04
C LEU A 202 10.42 20.46 3.57
N ASN A 203 10.50 21.51 2.71
CA ASN A 203 10.80 21.32 1.29
C ASN A 203 12.29 21.04 1.13
N ASP A 204 12.71 20.78 -0.10
CA ASP A 204 14.07 20.53 -0.55
C ASP A 204 15.07 21.51 0.12
N VAL A 205 16.06 20.98 0.86
CA VAL A 205 17.11 21.74 1.56
C VAL A 205 17.85 22.67 0.57
N GLN A 206 18.01 22.24 -0.69
CA GLN A 206 18.65 23.02 -1.77
C GLN A 206 17.87 24.32 -2.03
N ILE A 207 16.53 24.27 -1.94
CA ILE A 207 15.64 25.42 -2.12
C ILE A 207 15.70 26.26 -0.84
N ASN A 208 15.63 25.61 0.34
CA ASN A 208 15.69 26.29 1.65
C ASN A 208 16.93 27.16 1.77
N SER A 209 18.08 26.65 1.26
CA SER A 209 19.38 27.31 1.27
C SER A 209 19.40 28.64 0.52
N GLU A 210 18.58 28.77 -0.54
CA GLU A 210 18.47 30.00 -1.36
C GLU A 210 18.01 31.16 -0.49
N TYR A 211 17.09 30.89 0.46
CA TYR A 211 16.58 31.89 1.39
C TYR A 211 17.68 32.40 2.31
N VAL A 212 18.62 31.51 2.72
CA VAL A 212 19.77 31.86 3.55
C VAL A 212 20.75 32.70 2.74
N ALA A 213 21.12 32.23 1.52
CA ALA A 213 22.04 32.94 0.62
C ALA A 213 21.53 34.34 0.32
N TYR A 214 20.21 34.47 -0.02
CA TYR A 214 19.65 35.78 -0.27
C TYR A 214 19.62 36.64 0.98
N ALA A 215 19.20 36.08 2.14
CA ALA A 215 19.15 36.81 3.41
C ALA A 215 20.51 37.36 3.79
N ILE A 216 21.58 36.56 3.59
CA ILE A 216 22.95 37.01 3.86
C ILE A 216 23.29 38.26 3.03
N ASN A 217 23.18 38.15 1.70
CA ASN A 217 23.50 39.25 0.79
C ASN A 217 22.58 40.44 0.92
N TYR A 218 21.29 40.20 1.26
CA TYR A 218 20.33 41.27 1.45
C TYR A 218 20.58 42.04 2.75
N ILE A 219 20.76 41.33 3.87
CA ILE A 219 20.98 41.97 5.18
C ILE A 219 22.33 42.70 5.17
N SER A 220 23.35 42.12 4.51
CA SER A 220 24.65 42.78 4.39
C SER A 220 24.54 44.08 3.58
N ALA A 221 23.75 44.08 2.49
CA ALA A 221 23.54 45.24 1.61
C ALA A 221 22.86 46.41 2.30
N ILE A 222 21.68 46.17 2.94
CA ILE A 222 20.88 47.19 3.63
C ILE A 222 21.59 47.78 4.87
N SER A 223 22.49 46.98 5.47
CA SER A 223 23.23 47.37 6.67
C SER A 223 24.61 47.94 6.36
N GLU A 224 25.11 47.72 5.11
CA GLU A 224 26.45 48.12 4.64
C GLU A 224 27.47 47.56 5.66
N SER A 225 27.29 46.28 6.01
CA SER A 225 28.07 45.65 7.06
C SER A 225 28.17 44.18 6.83
N ASN A 226 29.18 43.55 7.43
CA ASN A 226 29.27 42.11 7.44
C ASN A 226 28.26 41.64 8.50
N VAL A 227 27.87 40.38 8.43
CA VAL A 227 26.85 39.84 9.34
C VAL A 227 27.36 38.58 10.02
N ALA A 228 26.54 38.06 10.92
CA ALA A 228 26.73 36.79 11.58
C ALA A 228 25.46 36.00 11.31
N VAL A 229 25.59 34.68 11.29
CA VAL A 229 24.47 33.77 11.11
C VAL A 229 24.44 32.85 12.33
N LEU A 230 23.25 32.70 12.94
CA LEU A 230 23.08 31.73 14.03
C LEU A 230 21.99 30.79 13.53
N SER A 231 22.32 29.51 13.45
CA SER A 231 21.39 28.51 12.94
C SER A 231 21.07 27.44 13.97
N TRP A 232 19.95 26.74 13.76
CA TRP A 232 19.52 25.62 14.58
C TRP A 232 19.19 24.45 13.66
N SER A 233 19.61 23.23 14.05
CA SER A 233 19.27 21.98 13.37
C SER A 233 19.64 22.05 11.88
N GLN A 234 18.65 21.79 10.98
CA GLN A 234 18.79 21.86 9.52
C GLN A 234 19.30 23.24 9.05
N GLY A 235 19.08 24.27 9.87
CA GLY A 235 19.58 25.62 9.60
C GLY A 235 21.06 25.66 9.26
N GLY A 236 21.82 24.77 9.90
CA GLY A 236 23.26 24.59 9.67
C GLY A 236 23.53 24.08 8.27
N LEU A 237 22.71 23.12 7.81
CA LEU A 237 22.81 22.57 6.45
C LEU A 237 22.46 23.64 5.41
N ASP A 238 21.39 24.43 5.68
CA ASP A 238 20.94 25.49 4.78
C ASP A 238 22.03 26.55 4.62
N THR A 239 22.72 26.90 5.73
CA THR A 239 23.78 27.91 5.73
C THR A 239 25.02 27.40 5.02
N GLN A 240 25.47 26.18 5.35
CA GLN A 240 26.64 25.55 4.72
C GLN A 240 26.47 25.43 3.21
N TRP A 241 25.26 25.02 2.75
CA TRP A 241 24.95 24.91 1.31
C TRP A 241 24.98 26.31 0.67
N ALA A 242 24.38 27.32 1.33
CA ALA A 242 24.38 28.72 0.85
C ALA A 242 25.82 29.24 0.73
N LEU A 243 26.66 28.98 1.75
CA LEU A 243 28.06 29.41 1.74
C LEU A 243 28.87 28.74 0.62
N LYS A 244 28.65 27.44 0.43
CA LYS A 244 29.34 26.66 -0.61
C LYS A 244 28.98 27.15 -2.03
N TYR A 245 27.67 27.14 -2.36
CA TYR A 245 27.21 27.43 -3.72
C TYR A 245 26.96 28.90 -4.02
N TRP A 246 26.99 29.79 -3.02
CA TRP A 246 26.89 31.23 -3.29
C TRP A 246 28.14 31.82 -2.65
N PRO A 247 29.35 31.63 -3.27
CA PRO A 247 30.59 32.12 -2.62
C PRO A 247 30.62 33.59 -2.22
N SER A 248 29.80 34.45 -2.85
CA SER A 248 29.75 35.87 -2.50
C SER A 248 29.33 36.07 -1.03
N THR A 249 28.52 35.13 -0.49
CA THR A 249 28.05 35.17 0.90
C THR A 249 29.19 34.99 1.90
N ARG A 250 30.22 34.19 1.54
CA ARG A 250 31.38 33.90 2.39
C ARG A 250 32.14 35.17 2.81
N LYS A 251 32.23 36.17 1.91
CA LYS A 251 32.96 37.43 2.14
C LYS A 251 32.26 38.34 3.14
N VAL A 252 30.95 38.17 3.35
CA VAL A 252 30.19 39.06 4.24
C VAL A 252 29.74 38.37 5.54
N VAL A 253 30.13 37.10 5.77
CA VAL A 253 29.75 36.41 7.01
C VAL A 253 30.99 36.26 7.89
N ASP A 254 31.01 36.96 9.03
CA ASP A 254 32.12 36.92 9.98
C ASP A 254 32.04 35.74 10.95
N ASP A 255 30.82 35.29 11.27
CA ASP A 255 30.61 34.19 12.19
C ASP A 255 29.41 33.38 11.80
N PHE A 256 29.55 32.06 11.87
CA PHE A 256 28.47 31.11 11.64
C PHE A 256 28.39 30.30 12.93
N ILE A 257 27.37 30.57 13.75
CA ILE A 257 27.13 29.87 15.01
C ILE A 257 26.07 28.81 14.74
N ALA A 258 26.46 27.55 14.82
CA ALA A 258 25.57 26.44 14.49
C ALA A 258 25.16 25.62 15.71
N ILE A 259 23.88 25.74 16.10
CA ILE A 259 23.28 25.04 17.23
C ILE A 259 22.72 23.71 16.72
N SER A 260 23.17 22.58 17.33
CA SER A 260 22.78 21.21 17.00
C SER A 260 22.81 20.97 15.48
N PRO A 261 23.91 21.32 14.76
CA PRO A 261 23.90 21.15 13.31
C PRO A 261 24.12 19.70 12.88
N ASP A 262 23.42 19.29 11.83
CA ASP A 262 23.55 17.93 11.31
C ASP A 262 24.27 17.99 9.95
N PHE A 263 25.54 18.42 9.97
CA PHE A 263 26.37 18.56 8.76
C PHE A 263 26.61 17.26 8.02
N HIS A 264 26.32 16.11 8.67
CA HIS A 264 26.42 14.80 8.04
C HIS A 264 25.06 14.10 8.13
N GLY A 265 24.02 14.86 8.47
CA GLY A 265 22.69 14.31 8.65
C GLY A 265 22.62 13.42 9.89
N THR A 266 21.75 12.40 9.83
CA THR A 266 21.54 11.50 10.95
C THR A 266 21.22 10.09 10.50
N VAL A 267 21.54 9.12 11.34
CA VAL A 267 21.25 7.72 11.04
C VAL A 267 19.94 7.31 11.65
N MET A 268 19.36 6.24 11.10
CA MET A 268 18.14 5.61 11.60
C MET A 268 18.39 4.11 11.59
N ARG A 269 17.99 3.45 12.67
CA ARG A 269 18.13 2.02 12.85
C ARG A 269 17.32 1.25 11.76
N SER A 270 16.09 1.71 11.49
CA SER A 270 15.22 1.11 10.46
C SER A 270 15.31 1.94 9.16
N LEU A 271 14.83 1.36 8.03
CA LEU A 271 14.86 2.03 6.72
C LEU A 271 13.71 3.02 6.62
N VAL A 272 13.77 4.04 7.48
CA VAL A 272 12.77 5.08 7.64
C VAL A 272 13.44 6.46 7.68
N CYS A 273 12.67 7.52 7.49
CA CYS A 273 13.24 8.86 7.47
C CYS A 273 13.59 9.42 8.86
N PRO A 274 14.57 10.35 8.95
CA PRO A 274 14.79 11.07 10.22
C PRO A 274 13.52 11.81 10.64
N TRP A 275 13.38 12.12 11.95
CA TRP A 275 12.22 12.79 12.56
C TRP A 275 10.98 11.89 12.59
N LEU A 276 10.23 11.82 11.47
CA LEU A 276 8.97 11.08 11.35
C LEU A 276 9.10 9.56 11.47
N ALA A 277 10.26 8.99 11.08
CA ALA A 277 10.51 7.54 11.17
C ALA A 277 9.46 6.73 10.38
N ALA A 278 9.12 7.22 9.19
CA ALA A 278 8.13 6.60 8.31
C ALA A 278 8.71 6.38 6.90
N LEU A 279 7.92 5.78 6.00
CA LEU A 279 8.30 5.56 4.60
C LEU A 279 7.96 6.79 3.75
N ALA A 280 6.83 7.47 4.04
CA ALA A 280 6.39 8.68 3.32
C ALA A 280 6.61 9.88 4.24
N CYS A 281 7.57 10.73 3.86
CA CYS A 281 8.00 11.87 4.66
C CYS A 281 8.05 13.15 3.84
N THR A 282 9.03 14.01 4.07
CA THR A 282 9.16 15.26 3.30
C THR A 282 10.54 15.28 2.64
N PRO A 283 10.78 16.12 1.61
CA PRO A 283 12.11 16.16 0.99
C PRO A 283 13.25 16.40 1.98
N SER A 284 13.13 17.40 2.88
CA SER A 284 14.18 17.72 3.85
C SER A 284 14.42 16.61 4.88
N LEU A 285 13.36 15.83 5.24
CA LEU A 285 13.53 14.72 6.18
C LEU A 285 14.39 13.65 5.52
N TRP A 286 14.06 13.25 4.27
CA TRP A 286 14.82 12.26 3.52
C TRP A 286 16.25 12.70 3.24
N GLN A 287 16.47 13.99 2.90
CA GLN A 287 17.80 14.54 2.61
C GLN A 287 18.72 14.55 3.83
N GLN A 288 18.15 14.56 5.04
CA GLN A 288 18.94 14.61 6.26
C GLN A 288 19.41 13.23 6.76
N GLY A 289 19.27 12.21 5.91
CA GLY A 289 19.81 10.89 6.19
C GLY A 289 21.33 10.95 6.04
N TRP A 290 22.06 10.15 6.82
CA TRP A 290 23.52 10.11 6.82
C TRP A 290 24.17 9.89 5.44
N ASN A 291 23.64 8.95 4.66
CA ASN A 291 24.23 8.55 3.38
C ASN A 291 23.51 9.06 2.14
N THR A 292 22.74 10.14 2.27
CA THR A 292 22.00 10.66 1.12
C THR A 292 22.90 11.31 0.09
N GLU A 293 22.36 11.45 -1.14
CA GLU A 293 23.04 12.14 -2.23
C GLU A 293 23.18 13.61 -1.85
N PHE A 294 22.19 14.18 -1.13
CA PHE A 294 22.24 15.57 -0.66
C PHE A 294 23.48 15.83 0.21
N ILE A 295 23.64 15.05 1.29
CA ILE A 295 24.75 15.14 2.24
C ILE A 295 26.09 14.93 1.55
N ARG A 296 26.21 13.87 0.73
CA ARG A 296 27.41 13.53 -0.03
C ARG A 296 27.79 14.68 -0.98
N THR A 297 26.78 15.29 -1.65
CA THR A 297 27.00 16.43 -2.57
C THR A 297 27.52 17.63 -1.79
N LEU A 298 26.88 17.93 -0.64
CA LEU A 298 27.28 19.06 0.18
C LEU A 298 28.71 18.91 0.70
N ARG A 299 29.04 17.73 1.23
CA ARG A 299 30.33 17.44 1.84
C ARG A 299 31.47 17.32 0.85
N GLY A 300 31.17 17.10 -0.42
CA GLY A 300 32.20 17.02 -1.47
C GLY A 300 32.86 18.38 -1.68
N GLY A 301 34.08 18.36 -2.25
CA GLY A 301 34.86 19.57 -2.53
C GLY A 301 35.08 20.49 -1.34
N GLY A 302 35.30 19.92 -0.16
CA GLY A 302 35.54 20.67 1.06
C GLY A 302 34.32 21.19 1.79
N GLY A 303 33.12 20.74 1.40
CA GLY A 303 31.87 21.12 2.06
C GLY A 303 31.78 20.62 3.49
N ASP A 304 32.67 19.69 3.85
CA ASP A 304 32.81 19.12 5.18
C ASP A 304 33.77 19.98 6.05
N SER A 305 34.32 21.06 5.45
CA SER A 305 35.16 22.05 6.14
C SER A 305 34.39 23.37 6.17
N ALA A 306 34.70 24.23 7.16
CA ALA A 306 34.03 25.53 7.25
C ALA A 306 34.41 26.48 6.11
N TYR A 307 33.52 27.44 5.81
CA TYR A 307 33.73 28.45 4.76
C TYR A 307 34.07 29.79 5.38
N VAL A 308 33.62 29.99 6.63
CA VAL A 308 33.78 31.23 7.41
C VAL A 308 34.03 30.78 8.87
N PRO A 309 34.49 31.65 9.82
CA PRO A 309 34.66 31.18 11.21
C PRO A 309 33.37 30.52 11.74
N THR A 310 33.43 29.21 12.02
CA THR A 310 32.25 28.46 12.46
C THR A 310 32.40 27.93 13.88
N THR A 311 31.35 28.15 14.71
CA THR A 311 31.25 27.70 16.09
C THR A 311 30.09 26.69 16.14
N THR A 312 30.40 25.38 16.23
CA THR A 312 29.37 24.32 16.30
C THR A 312 29.15 23.97 17.76
N ILE A 313 27.88 23.81 18.17
CA ILE A 313 27.54 23.51 19.56
C ILE A 313 26.50 22.40 19.55
N TYR A 314 26.82 21.29 20.21
CA TYR A 314 25.96 20.10 20.17
C TYR A 314 26.03 19.26 21.43
N SER A 315 25.04 18.36 21.60
CA SER A 315 24.87 17.54 22.78
C SER A 315 24.70 16.05 22.49
N THR A 316 25.23 15.20 23.40
CA THR A 316 25.10 13.74 23.36
C THR A 316 23.59 13.36 23.45
N PHE A 317 22.82 14.15 24.23
CA PHE A 317 21.41 13.89 24.49
C PHE A 317 20.47 14.39 23.39
N ASP A 318 21.03 14.62 22.18
CA ASP A 318 20.25 15.01 21.00
C ASP A 318 19.38 13.81 20.60
N GLU A 319 18.05 13.96 20.66
CA GLU A 319 17.08 12.90 20.36
C GLU A 319 16.72 12.81 18.86
N ILE A 320 17.24 13.73 18.05
CA ILE A 320 16.95 13.82 16.62
C ILE A 320 18.12 13.37 15.77
N VAL A 321 19.31 13.87 16.09
CA VAL A 321 20.55 13.63 15.35
C VAL A 321 21.49 12.75 16.14
N GLN A 322 21.99 11.69 15.49
CA GLN A 322 22.99 10.81 16.04
C GLN A 322 23.91 10.31 14.93
N PRO A 323 25.22 10.17 15.20
CA PRO A 323 25.92 10.47 16.46
C PRO A 323 26.15 11.98 16.67
N MET A 324 26.01 12.42 17.94
CA MET A 324 26.26 13.80 18.36
C MET A 324 27.27 13.83 19.52
N SER A 325 28.19 12.86 19.52
CA SER A 325 29.32 12.70 20.44
C SER A 325 30.39 11.91 19.69
N GLY A 326 31.61 11.89 20.22
CA GLY A 326 32.70 11.17 19.59
C GLY A 326 33.29 11.88 18.39
N SER A 327 34.28 11.24 17.76
CA SER A 327 35.01 11.81 16.63
C SER A 327 34.22 11.87 15.34
N GLN A 328 33.12 11.11 15.22
CA GLN A 328 32.29 11.08 14.00
C GLN A 328 31.02 11.94 14.10
N ALA A 329 30.84 12.69 15.21
CA ALA A 329 29.67 13.56 15.44
C ALA A 329 29.28 14.36 14.21
N SER A 330 27.98 14.35 13.87
CA SER A 330 27.43 15.03 12.70
C SER A 330 27.70 16.54 12.67
N ALA A 331 27.84 17.13 13.85
CA ALA A 331 28.07 18.56 14.00
C ALA A 331 29.47 19.03 13.69
N ILE A 332 30.44 18.11 13.64
CA ILE A 332 31.85 18.46 13.44
C ILE A 332 32.15 18.95 12.02
N LEU A 333 32.83 20.09 11.93
CA LEU A 333 33.35 20.61 10.68
C LEU A 333 34.86 20.61 10.79
N SER A 334 35.54 20.27 9.71
CA SER A 334 36.99 20.35 9.65
C SER A 334 37.33 21.80 9.29
N ASP A 335 38.62 22.13 9.26
CA ASP A 335 39.03 23.49 8.94
C ASP A 335 40.17 23.52 7.91
N SER A 336 40.01 22.81 6.78
CA SER A 336 41.01 22.77 5.72
C SER A 336 41.25 24.13 5.03
N ARG A 337 40.27 25.05 5.10
CA ARG A 337 40.42 26.40 4.53
C ARG A 337 41.18 27.33 5.46
N ALA A 338 41.30 26.94 6.74
CA ALA A 338 41.97 27.70 7.82
C ALA A 338 41.22 29.01 8.08
N VAL A 339 39.90 28.91 8.32
CA VAL A 339 39.06 30.08 8.62
C VAL A 339 38.76 30.17 10.13
N GLY A 340 39.10 29.11 10.86
CA GLY A 340 38.86 29.01 12.30
C GLY A 340 37.57 28.26 12.56
N VAL A 341 37.66 27.18 13.32
CA VAL A 341 36.51 26.33 13.67
C VAL A 341 36.64 25.88 15.11
N SER A 342 35.53 25.87 15.84
CA SER A 342 35.47 25.30 17.18
C SER A 342 34.27 24.36 17.18
N ASN A 343 34.50 23.10 17.55
CA ASN A 343 33.47 22.06 17.61
C ASN A 343 33.26 21.81 19.08
N ASN A 344 32.14 22.33 19.60
CA ASN A 344 31.85 22.39 21.01
C ASN A 344 30.81 21.38 21.48
N HIS A 345 31.29 20.26 22.03
CA HIS A 345 30.48 19.18 22.59
C HIS A 345 30.23 19.51 24.05
N LEU A 346 28.95 19.75 24.41
CA LEU A 346 28.54 20.12 25.78
C LEU A 346 29.09 19.21 26.86
N GLN A 347 28.97 17.89 26.66
CA GLN A 347 29.36 16.84 27.61
C GLN A 347 30.88 16.65 27.72
N THR A 348 31.67 17.31 26.85
CA THR A 348 33.13 17.29 26.92
C THR A 348 33.57 18.54 27.70
N ILE A 349 33.23 19.74 27.17
CA ILE A 349 33.60 21.04 27.76
C ILE A 349 33.04 21.19 29.19
N CYS A 350 31.77 20.81 29.40
CA CYS A 350 31.12 20.89 30.72
C CYS A 350 30.82 19.50 31.31
N GLY A 351 31.73 18.55 31.10
CA GLY A 351 31.61 17.17 31.59
C GLY A 351 31.41 17.10 33.09
N GLY A 352 30.35 16.41 33.50
CA GLY A 352 29.97 16.23 34.91
C GLY A 352 29.55 17.50 35.63
N LYS A 353 29.12 18.52 34.85
CA LYS A 353 28.67 19.82 35.36
C LYS A 353 27.24 20.11 34.87
N PRO A 354 26.47 21.02 35.53
CA PRO A 354 25.07 21.27 35.10
C PRO A 354 24.87 21.59 33.61
N ALA A 355 25.73 22.42 33.00
CA ALA A 355 25.64 22.78 31.58
C ALA A 355 25.96 21.62 30.62
N GLY A 356 26.57 20.56 31.15
CA GLY A 356 26.87 19.35 30.40
C GLY A 356 25.84 18.25 30.62
N GLY A 357 24.67 18.64 31.15
CA GLY A 357 23.57 17.73 31.45
C GLY A 357 22.72 17.35 30.26
N VAL A 358 21.46 16.98 30.52
CA VAL A 358 20.51 16.51 29.51
C VAL A 358 19.95 17.70 28.70
N TYR A 359 20.63 18.02 27.60
CA TYR A 359 20.21 19.06 26.67
C TYR A 359 19.86 18.42 25.37
N THR A 360 18.58 18.51 25.02
CA THR A 360 18.01 17.93 23.81
C THR A 360 18.50 18.68 22.56
N HIS A 361 18.06 18.24 21.38
CA HIS A 361 18.36 18.86 20.09
C HIS A 361 17.95 20.34 20.16
N GLU A 362 16.70 20.59 20.64
CA GLU A 362 16.13 21.92 20.87
C GLU A 362 16.73 22.59 22.11
N GLY A 363 17.06 21.78 23.12
CA GLY A 363 17.64 22.21 24.40
C GLY A 363 18.94 22.97 24.32
N VAL A 364 19.76 22.73 23.28
CA VAL A 364 21.03 23.45 23.11
C VAL A 364 20.76 24.98 22.91
N LEU A 365 19.55 25.34 22.39
CA LEU A 365 19.14 26.75 22.23
C LEU A 365 19.06 27.51 23.56
N TYR A 366 18.84 26.80 24.68
CA TYR A 366 18.80 27.42 25.99
C TYR A 366 19.98 26.99 26.88
N ASN A 367 21.02 26.40 26.29
CA ASN A 367 22.20 25.96 27.04
C ASN A 367 23.14 27.14 27.38
N PRO A 368 23.59 27.28 28.67
CA PRO A 368 24.44 28.42 29.03
C PRO A 368 25.80 28.48 28.32
N LEU A 369 26.40 27.31 28.05
CA LEU A 369 27.67 27.23 27.32
C LEU A 369 27.46 27.64 25.86
N ALA A 370 26.33 27.21 25.24
CA ALA A 370 25.99 27.59 23.86
C ALA A 370 25.94 29.12 23.73
N TRP A 371 25.29 29.80 24.68
CA TRP A 371 25.16 31.26 24.77
C TRP A 371 26.49 31.95 24.99
N ALA A 372 27.30 31.44 25.95
CA ALA A 372 28.62 31.99 26.27
C ALA A 372 29.55 31.87 25.06
N LEU A 373 29.44 30.78 24.29
CA LEU A 373 30.24 30.58 23.08
C LEU A 373 29.78 31.50 21.96
N ALA A 374 28.45 31.72 21.84
CA ALA A 374 27.87 32.61 20.83
C ALA A 374 28.38 34.05 21.07
N VAL A 375 28.36 34.51 22.33
CA VAL A 375 28.81 35.84 22.78
C VAL A 375 30.31 35.98 22.53
N ASP A 376 31.10 34.97 22.92
CA ASP A 376 32.55 34.96 22.70
C ASP A 376 32.91 34.99 21.19
N ALA A 377 32.15 34.24 20.34
CA ALA A 377 32.36 34.20 18.89
C ALA A 377 32.14 35.58 18.26
N LEU A 378 31.07 36.27 18.68
CA LEU A 378 30.70 37.59 18.16
C LEU A 378 31.64 38.72 18.61
N SER A 379 32.35 38.54 19.74
CA SER A 379 33.25 39.56 20.29
C SER A 379 34.72 39.38 19.90
N HIS A 380 35.07 38.26 19.24
CA HIS A 380 36.45 37.99 18.85
C HIS A 380 36.56 37.58 17.39
N ASP A 381 37.73 37.86 16.75
CA ASP A 381 38.01 37.38 15.40
C ASP A 381 38.07 35.86 15.51
N GLY A 382 37.54 35.17 14.51
CA GLY A 382 37.48 33.72 14.53
C GLY A 382 36.29 33.20 15.31
N PRO A 383 36.23 31.87 15.55
CA PRO A 383 35.07 31.29 16.26
C PRO A 383 35.10 31.46 17.78
N GLY A 384 34.05 30.95 18.43
CA GLY A 384 33.93 30.93 19.88
C GLY A 384 35.00 30.01 20.44
N ASP A 385 35.62 30.39 21.55
CA ASP A 385 36.71 29.64 22.15
C ASP A 385 36.41 29.35 23.63
N PRO A 386 36.21 28.06 24.03
CA PRO A 386 35.92 27.77 25.45
C PRO A 386 37.04 28.13 26.41
N SER A 387 38.30 28.22 25.92
CA SER A 387 39.46 28.58 26.74
C SER A 387 39.44 30.06 27.18
N ARG A 388 38.61 30.90 26.52
CA ARG A 388 38.46 32.32 26.86
C ARG A 388 37.32 32.53 27.84
N LEU A 389 36.59 31.46 28.17
CA LEU A 389 35.46 31.54 29.08
C LEU A 389 35.81 31.09 30.50
N ASP A 390 35.07 31.63 31.48
CA ASP A 390 35.20 31.20 32.87
C ASP A 390 34.27 29.99 32.95
N LEU A 391 34.82 28.79 32.64
CA LEU A 391 34.05 27.55 32.58
C LEU A 391 33.44 27.12 33.92
N ASP A 392 34.04 27.48 35.06
CA ASP A 392 33.45 27.14 36.38
C ASP A 392 32.08 27.81 36.54
N VAL A 393 31.98 29.10 36.14
CA VAL A 393 30.75 29.88 36.19
C VAL A 393 29.78 29.40 35.09
N VAL A 394 30.24 29.35 33.83
CA VAL A 394 29.42 28.95 32.67
C VAL A 394 28.85 27.52 32.83
N CYS A 395 29.72 26.52 33.14
CA CYS A 395 29.30 25.13 33.31
C CYS A 395 28.41 24.90 34.54
N GLY A 396 28.51 25.79 35.53
CA GLY A 396 27.71 25.74 36.76
C GLY A 396 26.26 26.14 36.56
N ARG A 397 25.96 26.82 35.45
CA ARG A 397 24.62 27.29 35.09
C ARG A 397 23.83 26.18 34.38
N VAL A 398 22.50 26.32 34.37
CA VAL A 398 21.57 25.43 33.66
C VAL A 398 20.92 26.17 32.50
N LEU A 399 20.88 27.50 32.60
CA LEU A 399 20.34 28.41 31.60
C LEU A 399 21.23 29.64 31.51
N PRO A 400 21.33 30.35 30.36
CA PRO A 400 22.08 31.61 30.35
C PRO A 400 21.34 32.63 31.24
N PRO A 401 22.00 33.66 31.81
CA PRO A 401 21.26 34.64 32.65
C PRO A 401 20.12 35.34 31.90
N GLN A 402 20.20 35.40 30.57
CA GLN A 402 19.23 36.05 29.69
C GLN A 402 17.91 35.29 29.53
N LEU A 403 17.89 33.99 29.85
CA LEU A 403 16.68 33.18 29.71
C LEU A 403 16.15 32.68 31.05
N GLY A 404 14.85 32.36 31.08
CA GLY A 404 14.17 31.85 32.26
C GLY A 404 13.41 30.57 31.97
N LEU A 405 12.59 30.14 32.95
CA LEU A 405 11.75 28.96 32.88
C LEU A 405 10.88 28.88 31.62
N ASP A 406 10.11 29.96 31.30
CA ASP A 406 9.22 30.02 30.14
C ASP A 406 9.95 29.84 28.81
N ASP A 407 11.22 30.28 28.76
CA ASP A 407 12.10 30.13 27.60
C ASP A 407 12.47 28.66 27.41
N LEU A 408 12.81 27.95 28.51
CA LEU A 408 13.11 26.50 28.52
C LEU A 408 11.86 25.74 28.04
N LEU A 409 10.70 26.01 28.68
CA LEU A 409 9.42 25.34 28.36
C LEU A 409 8.94 25.59 26.94
N GLY A 410 9.01 26.85 26.51
CA GLY A 410 8.61 27.27 25.17
C GLY A 410 9.45 26.64 24.08
N THR A 411 10.78 26.56 24.30
CA THR A 411 11.72 25.92 23.35
C THR A 411 11.37 24.43 23.20
N GLU A 412 11.04 23.76 24.31
CA GLU A 412 10.64 22.36 24.30
C GLU A 412 9.31 22.15 23.58
N GLY A 413 8.39 23.11 23.75
CA GLY A 413 7.07 23.12 23.12
C GLY A 413 7.10 23.19 21.60
N LEU A 414 8.25 23.57 21.00
CA LEU A 414 8.47 23.66 19.55
C LEU A 414 8.26 22.32 18.83
N LEU A 415 8.52 21.21 19.54
CA LEU A 415 8.35 19.85 19.02
C LEU A 415 6.92 19.58 18.60
N LEU A 416 5.96 20.25 19.28
CA LEU A 416 4.53 20.13 18.99
C LEU A 416 4.20 20.78 17.65
N ILE A 417 4.85 21.91 17.35
CA ILE A 417 4.69 22.60 16.06
C ILE A 417 5.37 21.75 14.97
N ALA A 418 6.61 21.27 15.25
CA ALA A 418 7.36 20.42 14.33
C ALA A 418 6.55 19.20 13.90
N LEU A 419 5.82 18.55 14.84
CA LEU A 419 4.99 17.40 14.54
C LEU A 419 3.81 17.78 13.64
N ALA A 420 3.10 18.87 13.99
CA ALA A 420 1.97 19.39 13.22
C ALA A 420 2.40 19.71 11.78
N GLU A 421 3.54 20.41 11.59
CA GLU A 421 4.06 20.74 10.27
C GLU A 421 4.42 19.49 9.44
N VAL A 422 5.10 18.50 10.06
CA VAL A 422 5.48 17.25 9.40
C VAL A 422 4.22 16.49 8.93
N LEU A 423 3.24 16.34 9.82
CA LEU A 423 2.01 15.61 9.53
C LEU A 423 1.14 16.29 8.48
N ALA A 424 1.08 17.63 8.48
CA ALA A 424 0.28 18.39 7.50
C ALA A 424 0.97 18.51 6.14
N TYR A 425 2.29 18.25 6.06
CA TYR A 425 3.03 18.37 4.80
C TYR A 425 2.51 17.42 3.75
N LYS A 426 2.10 17.98 2.61
CA LYS A 426 1.56 17.23 1.47
C LYS A 426 2.03 17.89 0.17
N PRO A 427 2.40 17.11 -0.88
CA PRO A 427 2.42 15.64 -0.94
C PRO A 427 3.64 15.06 -0.26
N LYS A 428 3.48 13.91 0.42
CA LYS A 428 4.60 13.25 1.09
C LYS A 428 5.44 12.49 0.07
N THR A 429 6.72 12.27 0.38
CA THR A 429 7.68 11.64 -0.55
C THR A 429 8.34 10.42 0.08
N PHE A 430 8.68 9.44 -0.76
CA PHE A 430 9.35 8.20 -0.33
C PHE A 430 10.88 8.27 -0.44
N GLY A 431 11.40 9.30 -1.09
CA GLY A 431 12.83 9.47 -1.27
C GLY A 431 13.23 10.92 -1.46
N GLU A 432 14.53 11.20 -1.38
CA GLU A 432 15.08 12.55 -1.54
C GLU A 432 14.95 13.07 -2.99
N PRO A 433 14.86 14.41 -3.22
CA PRO A 433 14.76 14.89 -4.61
C PRO A 433 16.09 14.83 -5.37
N ALA A 434 16.05 15.14 -6.67
CA ALA A 434 17.24 15.18 -7.53
C ALA A 434 18.17 16.33 -7.09
N ILE A 435 19.46 16.16 -7.32
CA ILE A 435 20.48 17.18 -7.02
C ILE A 435 20.39 18.30 -8.06
N ALA A 436 20.39 19.55 -7.59
CA ALA A 436 20.37 20.75 -8.43
C ALA A 436 21.54 20.72 -9.41
N SER A 437 21.31 21.16 -10.66
CA SER A 437 22.29 21.18 -11.75
C SER A 437 23.61 21.85 -11.42
N TYR A 438 23.56 22.97 -10.67
CA TYR A 438 24.76 23.72 -10.26
C TYR A 438 25.66 22.95 -9.26
N ALA A 439 25.09 21.94 -8.58
CA ALA A 439 25.81 21.15 -7.58
C ALA A 439 26.29 19.78 -8.14
N HIS A 440 25.90 19.47 -9.40
CA HIS A 440 26.16 18.26 -10.21
C HIS A 440 24.99 17.28 -10.12
N LEU B 14 -5.55 -21.16 30.80
CA LEU B 14 -5.48 -20.29 29.63
C LEU B 14 -6.81 -20.22 28.88
N SER B 15 -7.15 -19.03 28.37
CA SER B 15 -8.39 -18.80 27.65
C SER B 15 -8.14 -17.93 26.43
N LEU B 16 -9.17 -17.75 25.58
CA LEU B 16 -9.14 -16.90 24.40
C LEU B 16 -8.83 -15.44 24.83
N VAL B 17 -9.48 -15.00 25.93
CA VAL B 17 -9.29 -13.67 26.53
C VAL B 17 -7.86 -13.47 27.01
N SER B 18 -7.30 -14.43 27.80
CA SER B 18 -5.95 -14.31 28.34
C SER B 18 -4.90 -14.25 27.24
N ILE B 19 -5.04 -15.08 26.19
CA ILE B 19 -4.13 -15.09 25.03
C ILE B 19 -4.13 -13.73 24.34
N LEU B 20 -5.34 -13.16 24.08
CA LEU B 20 -5.47 -11.86 23.41
C LEU B 20 -4.99 -10.71 24.25
N SER B 21 -5.21 -10.79 25.58
CA SER B 21 -4.74 -9.76 26.53
C SER B 21 -3.22 -9.79 26.61
N SER B 22 -2.62 -10.99 26.56
CA SER B 22 -1.15 -11.16 26.57
C SER B 22 -0.56 -10.60 25.26
N ALA B 23 -1.24 -10.83 24.11
CA ALA B 23 -0.85 -10.33 22.80
C ALA B 23 -0.93 -8.79 22.74
N ALA B 24 -1.94 -8.22 23.41
CA ALA B 24 -2.15 -6.76 23.50
C ALA B 24 -0.99 -6.07 24.23
N ASN B 25 -0.39 -6.75 25.23
CA ASN B 25 0.72 -6.24 26.03
C ASN B 25 2.10 -6.80 25.60
N ASP B 26 2.15 -7.41 24.40
CA ASP B 26 3.35 -8.02 23.82
C ASP B 26 3.98 -7.07 22.80
N SER B 27 5.10 -6.41 23.18
CA SER B 27 5.85 -5.46 22.34
C SER B 27 6.38 -6.05 21.03
N SER B 28 6.45 -7.40 20.91
CA SER B 28 6.91 -8.11 19.71
C SER B 28 5.92 -7.97 18.55
N ILE B 29 4.63 -7.81 18.87
CA ILE B 29 3.56 -7.66 17.89
C ILE B 29 3.45 -6.21 17.46
N GLU B 30 3.20 -5.96 16.15
CA GLU B 30 3.00 -4.63 15.57
C GLU B 30 1.85 -3.92 16.32
N SER B 31 2.00 -2.60 16.54
CA SER B 31 1.05 -1.76 17.30
C SER B 31 -0.43 -1.93 16.92
N GLU B 32 -0.75 -2.01 15.61
CA GLU B 32 -2.16 -2.14 15.18
C GLU B 32 -2.79 -3.49 15.53
N ALA B 33 -2.02 -4.59 15.47
CA ALA B 33 -2.53 -5.92 15.85
C ALA B 33 -2.71 -6.01 17.37
N ARG B 34 -1.86 -5.29 18.14
CA ARG B 34 -1.95 -5.18 19.60
C ARG B 34 -3.26 -4.49 19.99
N SER B 35 -3.63 -3.44 19.23
CA SER B 35 -4.87 -2.68 19.40
C SER B 35 -6.08 -3.54 19.06
N ILE B 36 -5.99 -4.34 17.97
CA ILE B 36 -7.07 -5.25 17.55
C ILE B 36 -7.27 -6.31 18.64
N ALA B 37 -6.17 -6.92 19.14
CA ALA B 37 -6.20 -7.91 20.22
C ALA B 37 -6.81 -7.31 21.49
N SER B 38 -6.45 -6.05 21.83
CA SER B 38 -6.94 -5.34 23.02
C SER B 38 -8.45 -5.09 22.95
N LEU B 39 -8.91 -4.52 21.81
CA LEU B 39 -10.31 -4.23 21.54
C LEU B 39 -11.16 -5.51 21.57
N ILE B 40 -10.66 -6.60 20.96
CA ILE B 40 -11.34 -7.89 20.91
C ILE B 40 -11.43 -8.51 22.31
N ALA B 41 -10.30 -8.55 23.06
CA ALA B 41 -10.27 -9.09 24.43
C ALA B 41 -11.29 -8.35 25.31
N SER B 42 -11.34 -7.01 25.23
CA SER B 42 -12.29 -6.17 25.99
C SER B 42 -13.74 -6.46 25.61
N GLU B 43 -14.00 -6.62 24.29
CA GLU B 43 -15.32 -6.90 23.75
C GLU B 43 -15.83 -8.28 24.19
N ILE B 44 -14.94 -9.30 24.21
CA ILE B 44 -15.30 -10.66 24.66
C ILE B 44 -15.69 -10.60 26.15
N VAL B 45 -14.84 -9.94 26.99
CA VAL B 45 -15.05 -9.76 28.43
C VAL B 45 -16.40 -9.07 28.72
N SER B 46 -16.67 -7.91 28.08
CA SER B 46 -17.92 -7.20 28.31
C SER B 46 -19.15 -8.00 27.83
N LYS B 47 -19.08 -8.63 26.64
CA LYS B 47 -20.20 -9.43 26.12
C LYS B 47 -20.49 -10.67 26.99
N ILE B 48 -19.46 -11.35 27.51
CA ILE B 48 -19.63 -12.53 28.38
C ILE B 48 -20.22 -12.13 29.74
N GLY B 49 -19.75 -11.03 30.30
CA GLY B 49 -20.18 -10.52 31.61
C GLY B 49 -21.54 -9.85 31.65
N LYS B 50 -22.01 -9.34 30.50
CA LYS B 50 -23.29 -8.64 30.33
C LYS B 50 -24.50 -9.48 30.78
N THR B 51 -25.45 -8.82 31.48
CA THR B 51 -26.68 -9.47 31.92
C THR B 51 -27.71 -9.31 30.82
N GLU B 52 -28.22 -10.44 30.31
CA GLU B 52 -29.20 -10.44 29.23
C GLU B 52 -30.44 -11.24 29.62
N PHE B 53 -31.61 -10.85 29.07
CA PHE B 53 -32.87 -11.54 29.34
C PHE B 53 -33.29 -12.39 28.13
N LYS B 61 -36.14 -15.17 10.82
CA LYS B 61 -35.82 -13.76 11.07
C LYS B 61 -34.42 -13.57 11.70
N SER B 62 -34.10 -14.38 12.73
CA SER B 62 -32.83 -14.33 13.45
C SER B 62 -31.65 -14.65 12.55
N VAL B 63 -31.82 -15.65 11.64
CA VAL B 63 -30.82 -16.06 10.66
C VAL B 63 -30.59 -14.90 9.66
N GLN B 64 -31.68 -14.31 9.14
CA GLN B 64 -31.60 -13.17 8.22
C GLN B 64 -30.92 -11.96 8.90
N GLU B 65 -31.21 -11.75 10.20
CA GLU B 65 -30.59 -10.67 11.00
C GLU B 65 -29.09 -10.87 11.13
N ALA B 66 -28.62 -12.14 11.25
CA ALA B 66 -27.19 -12.47 11.32
C ALA B 66 -26.54 -12.18 9.97
N PHE B 67 -27.22 -12.53 8.86
CA PHE B 67 -26.73 -12.24 7.51
C PHE B 67 -26.71 -10.73 7.24
N ASP B 68 -27.70 -9.97 7.78
CA ASP B 68 -27.74 -8.50 7.67
C ASP B 68 -26.48 -7.90 8.31
N LYS B 69 -26.09 -8.40 9.52
CA LYS B 69 -24.88 -7.98 10.22
C LYS B 69 -23.63 -8.28 9.37
N ILE B 70 -23.55 -9.47 8.75
CA ILE B 70 -22.45 -9.85 7.87
C ILE B 70 -22.38 -8.89 6.67
N GLN B 71 -23.54 -8.56 6.07
CA GLN B 71 -23.64 -7.62 4.95
C GLN B 71 -23.12 -6.21 5.33
N SER B 72 -23.42 -5.76 6.57
CA SER B 72 -22.94 -4.46 7.05
C SER B 72 -21.40 -4.43 7.20
N ILE B 73 -20.77 -5.60 7.49
CA ILE B 73 -19.31 -5.72 7.57
C ILE B 73 -18.74 -5.58 6.15
N PHE B 74 -19.45 -6.15 5.16
CA PHE B 74 -19.09 -6.15 3.73
C PHE B 74 -19.55 -4.91 2.95
N ALA B 75 -20.22 -3.95 3.62
CA ALA B 75 -20.77 -2.75 2.98
C ALA B 75 -19.72 -1.89 2.25
N ASP B 76 -18.48 -1.82 2.78
CA ASP B 76 -17.37 -1.08 2.16
C ASP B 76 -16.48 -1.97 1.28
N GLY B 77 -16.90 -3.23 1.09
CA GLY B 77 -16.19 -4.22 0.29
C GLY B 77 -15.80 -5.45 1.10
N THR B 78 -15.32 -6.51 0.43
CA THR B 78 -14.87 -7.72 1.12
C THR B 78 -13.68 -7.31 2.02
N PRO B 79 -13.78 -7.51 3.35
CA PRO B 79 -12.68 -7.11 4.24
C PRO B 79 -11.52 -8.13 4.18
N ASP B 80 -10.49 -7.92 5.00
CA ASP B 80 -9.38 -8.89 5.13
C ASP B 80 -9.64 -9.64 6.45
N PHE B 81 -8.74 -10.57 6.84
CA PHE B 81 -8.87 -11.34 8.08
C PHE B 81 -9.02 -10.45 9.32
N LEU B 82 -8.10 -9.49 9.50
CA LEU B 82 -8.10 -8.61 10.67
C LEU B 82 -9.36 -7.77 10.81
N LYS B 83 -9.80 -7.13 9.71
CA LYS B 83 -11.02 -6.32 9.72
C LYS B 83 -12.24 -7.20 10.01
N MET B 84 -12.33 -8.37 9.36
CA MET B 84 -13.44 -9.31 9.58
C MET B 84 -13.53 -9.74 11.07
N THR B 85 -12.39 -10.10 11.68
CA THR B 85 -12.32 -10.58 13.07
C THR B 85 -12.76 -9.51 14.05
N ARG B 86 -12.37 -8.26 13.79
CA ARG B 86 -12.70 -7.09 14.60
C ARG B 86 -14.19 -6.76 14.47
N GLU B 87 -14.68 -6.70 13.23
CA GLU B 87 -16.06 -6.33 12.92
C GLU B 87 -17.14 -7.31 13.41
N ILE B 88 -16.84 -8.63 13.56
CA ILE B 88 -17.87 -9.58 14.03
C ILE B 88 -18.31 -9.22 15.46
N LEU B 89 -17.39 -8.70 16.29
CA LEU B 89 -17.69 -8.26 17.64
C LEU B 89 -18.30 -6.86 17.64
N THR B 90 -17.79 -5.96 16.78
CA THR B 90 -18.28 -4.57 16.63
C THR B 90 -19.78 -4.55 16.28
N VAL B 91 -20.22 -5.43 15.34
CA VAL B 91 -21.64 -5.52 14.93
C VAL B 91 -22.47 -6.39 15.91
N GLY B 92 -21.84 -6.94 16.94
CA GLY B 92 -22.49 -7.78 17.94
C GLY B 92 -23.03 -9.08 17.37
N LEU B 93 -22.26 -9.71 16.45
CA LEU B 93 -22.69 -10.95 15.80
C LEU B 93 -22.64 -12.16 16.73
N ILE B 94 -21.64 -12.23 17.63
CA ILE B 94 -21.47 -13.41 18.48
C ILE B 94 -22.12 -13.24 19.87
N PRO B 95 -23.12 -14.08 20.20
CA PRO B 95 -23.76 -13.97 21.52
C PRO B 95 -22.87 -14.53 22.62
N ALA B 96 -23.14 -14.11 23.88
CA ALA B 96 -22.40 -14.48 25.09
C ALA B 96 -22.16 -15.96 25.28
N ASP B 97 -23.19 -16.82 25.06
CA ASP B 97 -23.04 -18.27 25.24
C ASP B 97 -22.07 -18.89 24.22
N ILE B 98 -22.10 -18.43 22.96
CA ILE B 98 -21.16 -18.91 21.92
C ILE B 98 -19.74 -18.44 22.28
N LEU B 99 -19.61 -17.16 22.72
CA LEU B 99 -18.33 -16.57 23.13
C LEU B 99 -17.70 -17.33 24.29
N SER B 100 -18.51 -17.72 25.31
CA SER B 100 -18.04 -18.46 26.48
C SER B 100 -17.52 -19.83 26.07
N PHE B 101 -18.24 -20.51 25.14
CA PHE B 101 -17.84 -21.80 24.58
C PHE B 101 -16.52 -21.65 23.82
N LEU B 102 -16.40 -20.62 22.97
CA LEU B 102 -15.15 -20.37 22.21
C LEU B 102 -13.98 -20.00 23.12
N ASN B 103 -14.27 -19.26 24.21
CA ASN B 103 -13.28 -18.83 25.19
C ASN B 103 -12.52 -20.01 25.83
N GLY B 104 -13.22 -21.12 26.07
CA GLY B 104 -12.64 -22.31 26.67
C GLY B 104 -12.20 -23.39 25.70
N TYR B 105 -11.87 -23.00 24.45
CA TYR B 105 -11.47 -23.93 23.39
C TYR B 105 -10.26 -24.79 23.72
N LEU B 106 -9.23 -24.23 24.41
CA LEU B 106 -8.01 -24.96 24.76
C LEU B 106 -8.23 -26.14 25.70
N ASN B 107 -9.17 -26.01 26.64
CA ASN B 107 -9.47 -27.08 27.58
C ASN B 107 -10.65 -27.96 27.14
N LEU B 108 -11.02 -27.87 25.85
CA LEU B 108 -12.11 -28.66 25.28
C LEU B 108 -11.57 -30.00 24.76
N ASP B 109 -12.17 -31.12 25.24
CA ASP B 109 -11.81 -32.51 24.87
C ASP B 109 -11.76 -32.74 23.36
N LEU B 110 -12.69 -32.11 22.62
CA LEU B 110 -12.80 -32.20 21.16
C LEU B 110 -11.56 -31.62 20.44
N ASN B 111 -10.81 -30.73 21.10
CA ASN B 111 -9.60 -30.12 20.52
C ASN B 111 -8.29 -30.80 20.92
N SER B 112 -8.36 -31.87 21.71
CA SER B 112 -7.17 -32.58 22.20
C SER B 112 -6.27 -33.13 21.10
N ILE B 113 -4.96 -32.97 21.31
CA ILE B 113 -3.90 -33.49 20.46
C ILE B 113 -3.27 -34.70 21.19
N HIS B 114 -3.88 -35.11 22.33
CA HIS B 114 -3.41 -36.21 23.19
C HIS B 114 -4.45 -37.32 23.32
N ASN B 115 -5.13 -37.66 22.22
CA ASN B 115 -6.13 -38.72 22.19
C ASN B 115 -5.46 -40.10 22.35
N ARG B 116 -6.15 -41.03 23.01
CA ARG B 116 -5.66 -42.39 23.25
C ARG B 116 -6.37 -43.33 22.27
N ASN B 117 -5.68 -43.67 21.18
CA ASN B 117 -6.22 -44.49 20.11
C ASN B 117 -5.53 -45.87 20.02
N PRO B 118 -6.28 -46.95 19.72
CA PRO B 118 -5.65 -48.28 19.66
C PRO B 118 -4.68 -48.48 18.50
N SER B 119 -3.82 -49.52 18.59
CA SER B 119 -2.86 -49.87 17.54
C SER B 119 -3.61 -50.39 16.30
N PRO B 120 -3.24 -49.93 15.07
CA PRO B 120 -3.96 -50.42 13.88
C PRO B 120 -3.63 -51.87 13.55
N LYS B 121 -4.63 -52.63 13.10
CA LYS B 121 -4.45 -54.02 12.71
C LYS B 121 -4.29 -54.13 11.19
N GLY B 122 -3.81 -55.28 10.72
CA GLY B 122 -3.58 -55.51 9.30
C GLY B 122 -2.16 -55.14 8.90
N GLN B 123 -1.95 -54.75 7.64
CA GLN B 123 -0.62 -54.41 7.15
C GLN B 123 -0.10 -53.10 7.73
N ALA B 124 1.23 -53.03 7.92
CA ALA B 124 1.93 -51.88 8.47
C ALA B 124 1.62 -50.59 7.73
N ILE B 125 1.39 -49.52 8.50
CA ILE B 125 1.14 -48.17 7.97
C ILE B 125 2.26 -47.23 8.43
N TYR B 126 3.07 -47.68 9.39
CA TYR B 126 4.20 -46.94 9.95
C TYR B 126 5.40 -47.88 10.17
N PRO B 127 6.65 -47.48 9.83
CA PRO B 127 7.07 -46.19 9.25
C PRO B 127 6.66 -45.97 7.80
N VAL B 128 6.43 -47.07 7.04
CA VAL B 128 6.09 -47.02 5.61
C VAL B 128 4.91 -47.95 5.27
N LYS B 129 3.82 -47.40 4.70
CA LYS B 129 2.72 -48.25 4.27
C LYS B 129 3.12 -48.94 2.95
N ALA B 130 3.45 -48.14 1.92
CA ALA B 130 3.85 -48.69 0.64
C ALA B 130 5.20 -48.13 0.19
N PRO B 131 6.14 -48.96 -0.31
CA PRO B 131 7.43 -48.41 -0.79
C PRO B 131 7.16 -47.31 -1.82
N GLY B 132 7.81 -46.16 -1.63
CA GLY B 132 7.58 -44.98 -2.47
C GLY B 132 6.94 -43.85 -1.69
N ASP B 133 6.26 -44.18 -0.55
CA ASP B 133 5.68 -43.16 0.33
C ASP B 133 6.83 -42.38 0.97
N ALA B 134 6.64 -41.06 1.17
CA ALA B 134 7.63 -40.21 1.83
C ALA B 134 7.81 -40.67 3.27
N ARG B 135 9.00 -40.45 3.82
CA ARG B 135 9.34 -40.78 5.20
C ARG B 135 8.62 -39.79 6.11
N TYR B 136 8.09 -40.29 7.25
CA TYR B 136 7.47 -39.47 8.27
C TYR B 136 8.57 -38.89 9.15
N SER B 137 8.48 -37.58 9.46
CA SER B 137 9.44 -36.94 10.34
C SER B 137 8.86 -36.94 11.76
N VAL B 138 7.53 -37.06 11.87
CA VAL B 138 6.81 -37.09 13.14
C VAL B 138 6.68 -38.54 13.62
N ALA B 139 6.88 -38.75 14.94
CA ALA B 139 6.77 -40.06 15.58
C ALA B 139 5.31 -40.52 15.50
N GLU B 140 5.10 -41.85 15.39
CA GLU B 140 3.79 -42.46 15.24
C GLU B 140 2.80 -42.07 16.33
N ASN B 141 3.25 -42.08 17.60
CA ASN B 141 2.41 -41.76 18.75
C ASN B 141 1.81 -40.35 18.66
N ALA B 142 2.60 -39.36 18.22
CA ALA B 142 2.14 -37.98 18.08
C ALA B 142 1.12 -37.88 16.92
N LEU B 143 1.38 -38.60 15.80
CA LEU B 143 0.47 -38.63 14.64
C LEU B 143 -0.89 -39.22 15.00
N ARG B 144 -0.88 -40.39 15.67
CA ARG B 144 -2.11 -41.09 16.08
C ARG B 144 -2.88 -40.31 17.15
N ALA B 145 -2.18 -39.69 18.12
CA ALA B 145 -2.79 -38.91 19.21
C ALA B 145 -3.54 -37.66 18.72
N ALA B 146 -3.22 -37.17 17.52
CA ALA B 146 -3.89 -36.00 16.93
C ALA B 146 -5.30 -36.34 16.44
N ILE B 147 -5.62 -37.64 16.26
CA ILE B 147 -6.93 -38.08 15.79
C ILE B 147 -7.93 -38.18 16.93
N HIS B 148 -8.99 -37.34 16.89
CA HIS B 148 -10.04 -37.42 17.89
C HIS B 148 -11.13 -38.32 17.33
N ILE B 149 -11.27 -39.52 17.91
CA ILE B 149 -12.28 -40.50 17.49
C ILE B 149 -13.47 -40.42 18.47
N PRO B 150 -14.67 -39.91 18.06
CA PRO B 150 -15.81 -39.86 18.99
C PRO B 150 -16.24 -41.25 19.45
N ALA B 151 -16.73 -41.35 20.70
CA ALA B 151 -17.15 -42.61 21.33
C ALA B 151 -18.11 -43.44 20.48
N SER B 152 -18.95 -42.75 19.68
CA SER B 152 -19.95 -43.33 18.78
C SER B 152 -19.39 -43.85 17.43
N PHE B 153 -18.06 -43.70 17.17
CA PHE B 153 -17.46 -44.19 15.91
C PHE B 153 -17.65 -45.71 15.77
N GLY B 154 -18.22 -46.12 14.64
CA GLY B 154 -18.57 -47.50 14.34
C GLY B 154 -17.54 -48.35 13.61
N TYR B 155 -16.34 -47.80 13.31
CA TYR B 155 -15.22 -48.49 12.66
C TYR B 155 -15.60 -49.21 11.35
N GLY B 156 -16.40 -48.56 10.51
CA GLY B 156 -16.87 -49.09 9.24
C GLY B 156 -17.66 -50.39 9.34
N LYS B 157 -18.33 -50.63 10.48
CA LYS B 157 -19.13 -51.84 10.73
C LYS B 157 -20.62 -51.51 10.83
N ASN B 158 -20.97 -50.21 10.87
CA ASN B 158 -22.32 -49.68 11.04
C ASN B 158 -22.98 -49.14 9.75
N GLY B 159 -22.42 -49.46 8.58
CA GLY B 159 -22.92 -49.01 7.28
C GLY B 159 -22.65 -47.52 7.02
N LYS B 160 -21.83 -46.90 7.88
CA LYS B 160 -21.44 -45.50 7.80
C LYS B 160 -20.00 -45.41 7.35
N LYS B 161 -19.75 -44.56 6.35
CA LYS B 161 -18.44 -44.31 5.79
C LYS B 161 -17.63 -43.40 6.73
N PRO B 162 -16.40 -43.78 7.12
CA PRO B 162 -15.59 -42.88 7.96
C PRO B 162 -15.22 -41.62 7.19
N VAL B 163 -15.42 -40.44 7.81
CA VAL B 163 -15.12 -39.15 7.20
C VAL B 163 -14.12 -38.41 8.09
N ILE B 164 -12.94 -38.10 7.52
CA ILE B 164 -11.90 -37.39 8.27
C ILE B 164 -12.06 -35.89 8.09
N LEU B 165 -12.33 -35.18 9.19
CA LEU B 165 -12.50 -33.73 9.18
C LEU B 165 -11.15 -33.05 9.40
N VAL B 166 -10.65 -32.36 8.35
CA VAL B 166 -9.32 -31.73 8.37
C VAL B 166 -9.45 -30.22 8.60
N PRO B 167 -8.82 -29.70 9.68
CA PRO B 167 -8.97 -28.27 10.02
C PRO B 167 -8.26 -27.29 9.11
N GLY B 168 -8.57 -26.02 9.29
CA GLY B 168 -7.94 -24.92 8.57
C GLY B 168 -6.86 -24.25 9.39
N THR B 169 -6.28 -23.20 8.85
CA THR B 169 -5.22 -22.42 9.49
C THR B 169 -5.69 -21.84 10.83
N ALA B 170 -4.84 -21.94 11.86
CA ALA B 170 -4.96 -21.34 13.20
C ALA B 170 -6.20 -21.74 14.01
N THR B 171 -6.97 -22.74 13.55
CA THR B 171 -8.23 -23.11 14.20
C THR B 171 -8.30 -24.61 14.45
N PRO B 172 -8.45 -25.03 15.72
CA PRO B 172 -8.54 -26.48 16.02
C PRO B 172 -9.78 -27.10 15.38
N ALA B 173 -9.66 -28.36 14.93
CA ALA B 173 -10.73 -29.12 14.25
C ALA B 173 -11.99 -29.30 15.08
N GLY B 174 -11.83 -29.63 16.36
CA GLY B 174 -12.93 -29.88 17.29
C GLY B 174 -13.95 -28.77 17.31
N THR B 175 -13.49 -27.55 17.66
CA THR B 175 -14.35 -26.35 17.70
C THR B 175 -14.86 -26.00 16.31
N THR B 176 -13.98 -26.01 15.29
CA THR B 176 -14.35 -25.72 13.90
C THR B 176 -15.58 -26.50 13.44
N TYR B 177 -15.48 -27.82 13.47
CA TYR B 177 -16.52 -28.68 12.96
C TYR B 177 -17.70 -28.86 13.90
N TYR B 178 -17.56 -28.44 15.17
CA TYR B 178 -18.65 -28.49 16.15
C TYR B 178 -19.86 -27.73 15.62
N PHE B 179 -19.62 -26.58 14.95
CA PHE B 179 -20.67 -25.71 14.43
C PHE B 179 -21.03 -25.94 12.96
N ASN B 180 -20.62 -27.07 12.36
CA ASN B 180 -20.95 -27.33 10.97
C ASN B 180 -20.84 -28.81 10.59
N PHE B 181 -19.81 -29.20 9.82
CA PHE B 181 -19.66 -30.55 9.26
C PHE B 181 -19.42 -31.66 10.30
N GLY B 182 -19.35 -31.31 11.58
CA GLY B 182 -19.31 -32.30 12.65
C GLY B 182 -20.67 -32.98 12.74
N LYS B 183 -21.70 -32.34 12.14
CA LYS B 183 -23.08 -32.82 12.07
C LYS B 183 -23.39 -33.45 10.71
N LEU B 184 -22.36 -33.76 9.90
CA LEU B 184 -22.52 -34.40 8.58
C LEU B 184 -23.30 -35.75 8.65
N GLY B 185 -23.11 -36.48 9.76
CA GLY B 185 -23.78 -37.76 10.01
C GLY B 185 -25.30 -37.68 10.14
N SER B 186 -25.85 -36.46 10.33
CA SER B 186 -27.29 -36.23 10.42
C SER B 186 -27.90 -36.09 9.02
N ALA B 187 -27.06 -36.02 7.98
CA ALA B 187 -27.49 -35.87 6.59
C ALA B 187 -27.04 -37.03 5.69
N ALA B 188 -25.89 -37.63 6.01
CA ALA B 188 -25.28 -38.67 5.19
C ALA B 188 -24.92 -39.89 6.02
N ASP B 189 -24.53 -41.00 5.34
CA ASP B 189 -24.07 -42.23 6.04
C ASP B 189 -22.59 -42.02 6.31
N ALA B 190 -22.33 -41.09 7.22
CA ALA B 190 -20.98 -40.62 7.55
C ALA B 190 -20.68 -40.78 9.04
N ASP B 191 -19.48 -41.28 9.33
CA ASP B 191 -19.01 -41.48 10.69
C ASP B 191 -17.80 -40.58 10.83
N VAL B 192 -18.01 -39.38 11.38
CA VAL B 192 -16.96 -38.35 11.46
C VAL B 192 -15.92 -38.61 12.55
N VAL B 193 -14.67 -38.24 12.23
CA VAL B 193 -13.51 -38.18 13.11
C VAL B 193 -12.85 -36.84 12.77
N TRP B 194 -12.13 -36.23 13.70
CA TRP B 194 -11.45 -34.99 13.35
C TRP B 194 -10.02 -34.98 13.81
N LEU B 195 -9.19 -34.34 13.01
CA LEU B 195 -7.77 -34.28 13.21
C LEU B 195 -7.35 -32.96 13.84
N ASN B 196 -6.91 -33.01 15.09
CA ASN B 196 -6.43 -31.81 15.78
C ASN B 196 -4.95 -31.71 15.52
N ILE B 197 -4.58 -30.88 14.54
CA ILE B 197 -3.20 -30.69 14.13
C ILE B 197 -2.45 -29.87 15.19
N PRO B 198 -1.35 -30.43 15.77
CA PRO B 198 -0.58 -29.67 16.78
C PRO B 198 -0.21 -28.27 16.28
N GLN B 199 -0.30 -27.28 17.18
CA GLN B 199 -0.04 -25.85 16.95
C GLN B 199 -1.06 -25.22 15.99
N ALA B 200 -2.28 -25.79 15.96
CA ALA B 200 -3.43 -25.35 15.17
C ALA B 200 -3.08 -25.01 13.70
N SER B 201 -2.34 -25.91 13.04
CA SER B 201 -1.92 -25.78 11.64
C SER B 201 -1.05 -24.53 11.33
N LEU B 202 -0.41 -23.95 12.35
CA LEU B 202 0.44 -22.77 12.15
C LEU B 202 1.90 -23.13 11.86
N ASN B 203 2.30 -24.39 12.14
CA ASN B 203 3.65 -24.88 11.82
C ASN B 203 3.70 -25.21 10.31
N ASP B 204 4.88 -25.59 9.83
CA ASP B 204 5.19 -25.98 8.46
C ASP B 204 4.09 -26.90 7.88
N VAL B 205 3.47 -26.47 6.75
CA VAL B 205 2.38 -27.23 6.08
C VAL B 205 2.82 -28.68 5.75
N GLN B 206 4.11 -28.85 5.40
CA GLN B 206 4.74 -30.14 5.09
C GLN B 206 4.64 -31.09 6.27
N ILE B 207 4.79 -30.57 7.51
CA ILE B 207 4.67 -31.33 8.75
C ILE B 207 3.19 -31.59 9.04
N ASN B 208 2.34 -30.55 8.91
CA ASN B 208 0.89 -30.67 9.12
C ASN B 208 0.31 -31.78 8.25
N SER B 209 0.80 -31.91 7.01
CA SER B 209 0.35 -32.91 6.03
C SER B 209 0.60 -34.35 6.45
N GLU B 210 1.65 -34.61 7.26
CA GLU B 210 1.96 -35.95 7.78
C GLU B 210 0.83 -36.47 8.64
N TYR B 211 0.19 -35.58 9.43
CA TYR B 211 -0.95 -35.90 10.28
C TYR B 211 -2.16 -36.35 9.45
N VAL B 212 -2.34 -35.75 8.25
CA VAL B 212 -3.42 -36.13 7.33
C VAL B 212 -3.10 -37.48 6.71
N ALA B 213 -1.86 -37.66 6.20
CA ALA B 213 -1.42 -38.92 5.59
C ALA B 213 -1.60 -40.09 6.55
N TYR B 214 -1.15 -39.90 7.82
CA TYR B 214 -1.28 -40.94 8.83
C TYR B 214 -2.74 -41.22 9.16
N ALA B 215 -3.56 -40.16 9.40
CA ALA B 215 -4.99 -40.30 9.72
C ALA B 215 -5.72 -41.08 8.64
N ILE B 216 -5.45 -40.78 7.35
CA ILE B 216 -6.07 -41.50 6.22
C ILE B 216 -5.77 -43.02 6.31
N ASN B 217 -4.47 -43.39 6.36
CA ASN B 217 -4.05 -44.79 6.43
C ASN B 217 -4.49 -45.49 7.72
N TYR B 218 -4.48 -44.77 8.85
CA TYR B 218 -4.90 -45.29 10.14
C TYR B 218 -6.41 -45.56 10.18
N ILE B 219 -7.23 -44.54 9.89
CA ILE B 219 -8.70 -44.63 9.91
C ILE B 219 -9.17 -45.73 8.94
N SER B 220 -8.50 -45.86 7.78
CA SER B 220 -8.81 -46.90 6.79
C SER B 220 -8.48 -48.28 7.35
N ALA B 221 -7.29 -48.42 7.99
CA ALA B 221 -6.85 -49.69 8.58
C ALA B 221 -7.80 -50.16 9.70
N ILE B 222 -8.10 -49.28 10.68
CA ILE B 222 -8.97 -49.64 11.83
C ILE B 222 -10.43 -49.89 11.43
N SER B 223 -10.88 -49.31 10.30
CA SER B 223 -12.26 -49.46 9.83
C SER B 223 -12.42 -50.54 8.74
N GLU B 224 -11.29 -51.06 8.18
CA GLU B 224 -11.25 -52.02 7.06
C GLU B 224 -12.13 -51.47 5.94
N SER B 225 -11.94 -50.18 5.63
CA SER B 225 -12.80 -49.48 4.69
C SER B 225 -12.08 -48.33 4.05
N ASN B 226 -12.59 -47.90 2.90
CA ASN B 226 -12.13 -46.71 2.25
C ASN B 226 -12.80 -45.57 3.02
N VAL B 227 -12.23 -44.38 2.96
CA VAL B 227 -12.71 -43.22 3.72
C VAL B 227 -13.00 -42.04 2.81
N ALA B 228 -13.53 -40.99 3.40
CA ALA B 228 -13.74 -39.71 2.78
C ALA B 228 -12.98 -38.71 3.63
N VAL B 229 -12.53 -37.62 3.02
CA VAL B 229 -11.84 -36.54 3.72
C VAL B 229 -12.62 -35.26 3.41
N LEU B 230 -12.99 -34.52 4.46
CA LEU B 230 -13.62 -33.21 4.31
C LEU B 230 -12.67 -32.21 4.97
N SER B 231 -12.17 -31.25 4.18
CA SER B 231 -11.21 -30.28 4.69
C SER B 231 -11.74 -28.86 4.61
N TRP B 232 -11.14 -27.96 5.41
CA TRP B 232 -11.44 -26.55 5.40
C TRP B 232 -10.15 -25.78 5.27
N SER B 233 -10.15 -24.72 4.42
CA SER B 233 -9.04 -23.79 4.28
C SER B 233 -7.74 -24.56 3.93
N GLN B 234 -6.64 -24.31 4.70
CA GLN B 234 -5.34 -24.97 4.57
C GLN B 234 -5.46 -26.50 4.61
N GLY B 235 -6.52 -27.02 5.23
CA GLY B 235 -6.78 -28.46 5.26
C GLY B 235 -6.71 -29.11 3.89
N GLY B 236 -7.13 -28.35 2.87
CA GLY B 236 -7.08 -28.76 1.47
C GLY B 236 -5.64 -28.96 1.00
N LEU B 237 -4.73 -28.03 1.38
CA LEU B 237 -3.30 -28.11 1.06
C LEU B 237 -2.67 -29.30 1.78
N ASP B 238 -3.02 -29.49 3.07
CA ASP B 238 -2.55 -30.59 3.92
C ASP B 238 -2.92 -31.93 3.31
N THR B 239 -4.16 -32.06 2.82
CA THR B 239 -4.66 -33.29 2.21
C THR B 239 -4.02 -33.53 0.84
N GLN B 240 -3.93 -32.49 -0.01
CA GLN B 240 -3.32 -32.60 -1.34
C GLN B 240 -1.84 -33.02 -1.26
N TRP B 241 -1.09 -32.46 -0.28
CA TRP B 241 0.32 -32.80 -0.04
C TRP B 241 0.43 -34.23 0.47
N ALA B 242 -0.47 -34.65 1.39
CA ALA B 242 -0.51 -36.02 1.92
C ALA B 242 -0.78 -37.03 0.77
N LEU B 243 -1.74 -36.70 -0.11
CA LEU B 243 -2.08 -37.53 -1.27
C LEU B 243 -0.92 -37.62 -2.26
N LYS B 244 -0.21 -36.50 -2.47
CA LYS B 244 0.92 -36.46 -3.39
C LYS B 244 2.11 -37.27 -2.91
N TYR B 245 2.56 -37.03 -1.66
CA TYR B 245 3.81 -37.60 -1.15
C TYR B 245 3.66 -38.90 -0.37
N TRP B 246 2.43 -39.31 -0.03
CA TRP B 246 2.12 -40.61 0.58
C TRP B 246 1.11 -41.25 -0.41
N PRO B 247 1.56 -41.69 -1.62
CA PRO B 247 0.60 -42.16 -2.63
C PRO B 247 -0.28 -43.35 -2.23
N SER B 248 0.07 -44.08 -1.15
CA SER B 248 -0.71 -45.20 -0.62
C SER B 248 -2.06 -44.73 -0.06
N THR B 249 -2.18 -43.42 0.25
CA THR B 249 -3.43 -42.84 0.78
C THR B 249 -4.47 -42.71 -0.35
N ARG B 250 -4.02 -42.59 -1.62
CA ARG B 250 -4.91 -42.38 -2.78
C ARG B 250 -5.94 -43.48 -2.98
N LYS B 251 -5.52 -44.75 -2.85
CA LYS B 251 -6.40 -45.90 -3.07
C LYS B 251 -7.48 -46.09 -1.98
N VAL B 252 -7.36 -45.41 -0.83
CA VAL B 252 -8.34 -45.55 0.25
C VAL B 252 -9.23 -44.30 0.44
N VAL B 253 -9.06 -43.25 -0.39
CA VAL B 253 -9.90 -42.04 -0.27
C VAL B 253 -10.86 -42.00 -1.44
N ASP B 254 -12.16 -42.21 -1.18
CA ASP B 254 -13.18 -42.21 -2.24
C ASP B 254 -13.64 -40.81 -2.57
N ASP B 255 -13.61 -39.91 -1.59
CA ASP B 255 -14.00 -38.51 -1.75
C ASP B 255 -13.11 -37.57 -0.96
N PHE B 256 -12.69 -36.49 -1.63
CA PHE B 256 -11.96 -35.38 -1.02
C PHE B 256 -12.87 -34.16 -1.23
N ILE B 257 -13.54 -33.73 -0.16
CA ILE B 257 -14.45 -32.58 -0.16
C ILE B 257 -13.68 -31.44 0.47
N ALA B 258 -13.33 -30.44 -0.33
CA ALA B 258 -12.50 -29.32 0.10
C ALA B 258 -13.28 -28.02 0.15
N ILE B 259 -13.46 -27.51 1.38
CA ILE B 259 -14.20 -26.27 1.65
C ILE B 259 -13.20 -25.11 1.72
N SER B 260 -13.43 -24.08 0.88
CA SER B 260 -12.59 -22.88 0.75
C SER B 260 -11.10 -23.27 0.66
N PRO B 261 -10.72 -24.20 -0.25
CA PRO B 261 -9.30 -24.59 -0.30
C PRO B 261 -8.45 -23.58 -1.06
N ASP B 262 -7.22 -23.38 -0.58
CA ASP B 262 -6.27 -22.51 -1.23
C ASP B 262 -5.18 -23.35 -1.87
N PHE B 263 -5.54 -24.12 -2.93
CA PHE B 263 -4.57 -24.98 -3.64
C PHE B 263 -3.44 -24.20 -4.32
N HIS B 264 -3.63 -22.91 -4.55
CA HIS B 264 -2.56 -22.06 -5.10
C HIS B 264 -2.19 -20.97 -4.07
N GLY B 265 -2.63 -21.15 -2.83
CA GLY B 265 -2.39 -20.16 -1.79
C GLY B 265 -3.22 -18.90 -2.01
N THR B 266 -2.69 -17.75 -1.60
CA THR B 266 -3.38 -16.47 -1.74
C THR B 266 -2.42 -15.31 -1.97
N VAL B 267 -2.89 -14.33 -2.74
CA VAL B 267 -2.10 -13.12 -2.99
C VAL B 267 -2.38 -12.11 -1.89
N MET B 268 -1.45 -11.17 -1.74
CA MET B 268 -1.59 -10.04 -0.83
C MET B 268 -1.13 -8.82 -1.59
N ARG B 269 -1.85 -7.70 -1.45
CA ARG B 269 -1.55 -6.43 -2.12
C ARG B 269 -0.18 -5.89 -1.69
N SER B 270 0.12 -5.97 -0.38
CA SER B 270 1.40 -5.54 0.20
C SER B 270 2.32 -6.76 0.39
N LEU B 271 3.62 -6.52 0.62
CA LEU B 271 4.60 -7.59 0.84
C LEU B 271 4.51 -8.05 2.29
N VAL B 272 3.37 -8.67 2.60
CA VAL B 272 2.99 -9.16 3.92
C VAL B 272 2.46 -10.57 3.83
N CYS B 273 2.34 -11.27 4.96
CA CYS B 273 1.87 -12.63 4.94
C CYS B 273 0.36 -12.76 4.82
N PRO B 274 -0.12 -13.88 4.23
CA PRO B 274 -1.57 -14.18 4.27
C PRO B 274 -2.06 -14.19 5.73
N TRP B 275 -3.38 -13.95 5.93
CA TRP B 275 -4.04 -13.86 7.24
C TRP B 275 -3.61 -12.63 8.05
N LEU B 276 -2.43 -12.71 8.73
CA LEU B 276 -1.95 -11.67 9.62
C LEU B 276 -1.55 -10.36 8.93
N ALA B 277 -1.20 -10.39 7.62
CA ALA B 277 -0.82 -9.19 6.86
C ALA B 277 0.32 -8.41 7.56
N ALA B 278 1.35 -9.14 8.03
CA ALA B 278 2.51 -8.58 8.74
C ALA B 278 3.82 -9.15 8.17
N LEU B 279 4.95 -8.72 8.74
CA LEU B 279 6.26 -9.19 8.31
C LEU B 279 6.68 -10.44 9.09
N ALA B 280 6.34 -10.48 10.40
CA ALA B 280 6.65 -11.61 11.28
C ALA B 280 5.37 -12.42 11.46
N CYS B 281 5.36 -13.62 10.90
CA CYS B 281 4.15 -14.45 10.90
C CYS B 281 4.46 -15.88 11.34
N THR B 282 3.85 -16.89 10.71
CA THR B 282 4.11 -18.27 11.08
C THR B 282 4.53 -19.02 9.83
N PRO B 283 5.19 -20.21 9.95
CA PRO B 283 5.56 -20.97 8.74
C PRO B 283 4.41 -21.20 7.75
N SER B 284 3.23 -21.67 8.25
CA SER B 284 2.08 -21.95 7.39
C SER B 284 1.46 -20.70 6.77
N LEU B 285 1.53 -19.55 7.46
CA LEU B 285 1.01 -18.29 6.91
C LEU B 285 1.85 -17.90 5.72
N TRP B 286 3.19 -17.90 5.88
CA TRP B 286 4.11 -17.55 4.80
C TRP B 286 4.01 -18.51 3.62
N GLN B 287 3.90 -19.83 3.88
CA GLN B 287 3.80 -20.87 2.84
C GLN B 287 2.54 -20.76 1.99
N GLN B 288 1.49 -20.09 2.49
CA GLN B 288 0.23 -19.96 1.79
C GLN B 288 0.18 -18.76 0.85
N GLY B 289 1.34 -18.14 0.60
CA GLY B 289 1.48 -17.07 -0.39
C GLY B 289 1.34 -17.70 -1.76
N TRP B 290 0.84 -16.92 -2.74
CA TRP B 290 0.59 -17.41 -4.10
C TRP B 290 1.76 -18.09 -4.81
N ASN B 291 2.93 -17.45 -4.76
CA ASN B 291 4.12 -17.92 -5.49
C ASN B 291 5.26 -18.41 -4.58
N THR B 292 4.91 -19.07 -3.47
CA THR B 292 5.93 -19.59 -2.57
C THR B 292 6.58 -20.87 -3.12
N GLU B 293 7.71 -21.25 -2.53
CA GLU B 293 8.41 -22.49 -2.86
C GLU B 293 7.52 -23.65 -2.47
N PHE B 294 6.79 -23.51 -1.33
CA PHE B 294 5.85 -24.53 -0.89
C PHE B 294 4.76 -24.81 -1.94
N ILE B 295 4.08 -23.74 -2.41
CA ILE B 295 3.00 -23.87 -3.39
C ILE B 295 3.54 -24.41 -4.72
N ARG B 296 4.65 -23.85 -5.21
CA ARG B 296 5.32 -24.28 -6.44
C ARG B 296 5.66 -25.78 -6.38
N THR B 297 6.20 -26.25 -5.23
CA THR B 297 6.59 -27.65 -4.99
C THR B 297 5.37 -28.55 -5.07
N LEU B 298 4.32 -28.23 -4.29
CA LEU B 298 3.09 -29.04 -4.29
C LEU B 298 2.49 -29.18 -5.69
N ARG B 299 2.33 -28.06 -6.40
CA ARG B 299 1.70 -27.98 -7.71
C ARG B 299 2.48 -28.65 -8.84
N GLY B 300 3.80 -28.76 -8.71
CA GLY B 300 4.64 -29.43 -9.71
C GLY B 300 4.34 -30.92 -9.81
N GLY B 301 4.78 -31.56 -10.90
CA GLY B 301 4.57 -32.98 -11.16
C GLY B 301 3.14 -33.47 -11.04
N GLY B 302 2.20 -32.66 -11.49
CA GLY B 302 0.77 -32.98 -11.45
C GLY B 302 0.03 -32.72 -10.16
N GLY B 303 0.68 -32.02 -9.22
CA GLY B 303 0.08 -31.66 -7.93
C GLY B 303 -1.07 -30.68 -8.02
N ASP B 304 -1.19 -29.99 -9.18
CA ASP B 304 -2.27 -29.04 -9.46
C ASP B 304 -3.53 -29.78 -9.97
N SER B 305 -3.44 -31.11 -10.07
CA SER B 305 -4.54 -31.99 -10.48
C SER B 305 -4.93 -32.88 -9.31
N ALA B 306 -6.20 -33.32 -9.28
CA ALA B 306 -6.70 -34.20 -8.23
C ALA B 306 -6.10 -35.61 -8.28
N TYR B 307 -5.97 -36.24 -7.10
CA TYR B 307 -5.46 -37.59 -6.96
C TYR B 307 -6.59 -38.58 -6.78
N VAL B 308 -7.69 -38.11 -6.18
CA VAL B 308 -8.90 -38.88 -5.88
C VAL B 308 -10.13 -38.04 -6.30
N PRO B 309 -11.37 -38.60 -6.35
CA PRO B 309 -12.53 -37.74 -6.70
C PRO B 309 -12.63 -36.56 -5.72
N THR B 310 -12.45 -35.34 -6.26
CA THR B 310 -12.39 -34.12 -5.47
C THR B 310 -13.53 -33.15 -5.78
N THR B 311 -14.19 -32.66 -4.73
CA THR B 311 -15.29 -31.69 -4.77
C THR B 311 -14.80 -30.41 -4.07
N THR B 312 -14.44 -29.37 -4.85
CA THR B 312 -13.99 -28.09 -4.28
C THR B 312 -15.20 -27.17 -4.20
N ILE B 313 -15.32 -26.42 -3.09
CA ILE B 313 -16.44 -25.51 -2.83
C ILE B 313 -15.88 -24.21 -2.28
N TYR B 314 -16.15 -23.11 -2.99
CA TYR B 314 -15.54 -21.83 -2.68
C TYR B 314 -16.41 -20.62 -3.05
N SER B 315 -16.10 -19.48 -2.45
CA SER B 315 -16.87 -18.24 -2.58
C SER B 315 -16.04 -17.01 -2.92
N THR B 316 -16.62 -16.11 -3.73
CA THR B 316 -16.04 -14.82 -4.13
C THR B 316 -15.82 -13.94 -2.89
N PHE B 317 -16.72 -14.08 -1.89
CA PHE B 317 -16.70 -13.27 -0.67
C PHE B 317 -15.73 -13.80 0.39
N ASP B 318 -14.83 -14.70 -0.02
CA ASP B 318 -13.76 -15.22 0.82
C ASP B 318 -12.86 -14.01 1.15
N GLU B 319 -12.73 -13.70 2.44
CA GLU B 319 -11.97 -12.54 2.94
C GLU B 319 -10.52 -12.90 3.26
N ILE B 320 -10.13 -14.17 3.05
CA ILE B 320 -8.79 -14.67 3.37
C ILE B 320 -8.01 -15.06 2.12
N VAL B 321 -8.67 -15.85 1.25
CA VAL B 321 -8.07 -16.38 0.03
C VAL B 321 -8.61 -15.65 -1.17
N GLN B 322 -7.69 -15.19 -2.01
CA GLN B 322 -8.02 -14.49 -3.24
C GLN B 322 -6.99 -14.81 -4.32
N PRO B 323 -7.41 -15.00 -5.59
CA PRO B 323 -8.80 -14.96 -6.08
C PRO B 323 -9.56 -16.26 -5.81
N MET B 324 -10.87 -16.11 -5.55
CA MET B 324 -11.80 -17.22 -5.34
C MET B 324 -12.97 -17.12 -6.33
N SER B 325 -12.66 -16.57 -7.51
CA SER B 325 -13.59 -16.42 -8.64
C SER B 325 -12.75 -16.43 -9.92
N GLY B 326 -13.39 -16.73 -11.04
CA GLY B 326 -12.73 -16.77 -12.33
C GLY B 326 -11.97 -18.05 -12.58
N SER B 327 -11.35 -18.13 -13.76
CA SER B 327 -10.59 -19.30 -14.24
C SER B 327 -9.31 -19.57 -13.45
N GLN B 328 -8.82 -18.59 -12.68
CA GLN B 328 -7.58 -18.72 -11.92
C GLN B 328 -7.79 -18.88 -10.42
N ALA B 329 -9.05 -19.10 -9.98
CA ALA B 329 -9.40 -19.27 -8.56
C ALA B 329 -8.49 -20.30 -7.89
N SER B 330 -8.00 -19.96 -6.70
CA SER B 330 -7.08 -20.79 -5.92
C SER B 330 -7.61 -22.18 -5.61
N ALA B 331 -8.94 -22.32 -5.48
CA ALA B 331 -9.61 -23.57 -5.14
C ALA B 331 -9.72 -24.56 -6.28
N ILE B 332 -9.43 -24.14 -7.52
CA ILE B 332 -9.59 -25.00 -8.70
C ILE B 332 -8.53 -26.08 -8.82
N LEU B 333 -8.96 -27.34 -8.95
CA LEU B 333 -8.05 -28.44 -9.28
C LEU B 333 -8.33 -28.89 -10.72
N SER B 334 -7.26 -29.20 -11.47
CA SER B 334 -7.40 -29.75 -12.81
C SER B 334 -7.65 -31.26 -12.64
N ASP B 335 -7.92 -31.98 -13.74
CA ASP B 335 -8.17 -33.41 -13.66
C ASP B 335 -7.39 -34.20 -14.72
N SER B 336 -6.05 -34.04 -14.73
CA SER B 336 -5.14 -34.73 -15.66
C SER B 336 -5.24 -36.26 -15.58
N ARG B 337 -5.41 -36.81 -14.36
CA ARG B 337 -5.50 -38.26 -14.11
C ARG B 337 -6.90 -38.82 -14.31
N ALA B 338 -7.87 -37.95 -14.65
CA ALA B 338 -9.27 -38.30 -14.90
C ALA B 338 -9.88 -39.10 -13.73
N VAL B 339 -9.74 -38.58 -12.50
CA VAL B 339 -10.28 -39.18 -11.28
C VAL B 339 -11.68 -38.65 -10.94
N GLY B 340 -12.09 -37.57 -11.60
CA GLY B 340 -13.37 -36.91 -11.37
C GLY B 340 -13.20 -35.72 -10.43
N VAL B 341 -13.43 -34.51 -10.95
CA VAL B 341 -13.30 -33.26 -10.19
C VAL B 341 -14.48 -32.36 -10.46
N SER B 342 -14.97 -31.70 -9.41
CA SER B 342 -15.96 -30.65 -9.55
C SER B 342 -15.47 -29.45 -8.77
N ASN B 343 -15.36 -28.31 -9.45
CA ASN B 343 -14.93 -27.03 -8.91
C ASN B 343 -16.19 -26.20 -8.80
N ASN B 344 -16.69 -26.06 -7.58
CA ASN B 344 -17.98 -25.46 -7.33
C ASN B 344 -17.93 -24.07 -6.71
N HIS B 345 -18.14 -23.06 -7.57
CA HIS B 345 -18.13 -21.65 -7.19
C HIS B 345 -19.55 -21.22 -6.83
N LEU B 346 -19.79 -20.84 -5.56
CA LEU B 346 -21.14 -20.45 -5.09
C LEU B 346 -21.84 -19.40 -5.94
N GLN B 347 -21.13 -18.33 -6.31
CA GLN B 347 -21.68 -17.20 -7.06
C GLN B 347 -21.93 -17.54 -8.54
N THR B 348 -21.47 -18.72 -9.00
CA THR B 348 -21.73 -19.22 -10.35
C THR B 348 -22.98 -20.11 -10.27
N ILE B 349 -22.88 -21.23 -9.53
CA ILE B 349 -23.97 -22.22 -9.40
C ILE B 349 -25.26 -21.59 -8.81
N CYS B 350 -25.11 -20.72 -7.79
CA CYS B 350 -26.26 -20.05 -7.16
C CYS B 350 -26.24 -18.54 -7.36
N GLY B 351 -25.75 -18.11 -8.53
CA GLY B 351 -25.65 -16.70 -8.88
C GLY B 351 -26.97 -15.97 -8.78
N GLY B 352 -26.96 -14.86 -8.04
CA GLY B 352 -28.14 -14.04 -7.80
C GLY B 352 -29.19 -14.68 -6.91
N LYS B 353 -28.82 -15.75 -6.19
CA LYS B 353 -29.73 -16.46 -5.30
C LYS B 353 -29.20 -16.43 -3.84
N PRO B 354 -30.06 -16.62 -2.80
CA PRO B 354 -29.56 -16.59 -1.42
C PRO B 354 -28.27 -17.37 -1.13
N ALA B 355 -28.15 -18.61 -1.61
CA ALA B 355 -26.96 -19.45 -1.39
C ALA B 355 -25.70 -18.97 -2.11
N GLY B 356 -25.87 -18.05 -3.07
CA GLY B 356 -24.77 -17.46 -3.81
C GLY B 356 -24.40 -16.09 -3.27
N GLY B 357 -24.90 -15.79 -2.08
CA GLY B 357 -24.68 -14.52 -1.39
C GLY B 357 -23.35 -14.44 -0.68
N VAL B 358 -23.31 -13.60 0.36
CA VAL B 358 -22.11 -13.32 1.14
C VAL B 358 -21.74 -14.48 2.09
N TYR B 359 -20.94 -15.41 1.57
CA TYR B 359 -20.39 -16.51 2.34
C TYR B 359 -18.89 -16.33 2.42
N THR B 360 -18.43 -16.11 3.64
CA THR B 360 -17.02 -15.87 3.95
C THR B 360 -16.19 -17.15 3.78
N HIS B 361 -14.86 -17.06 3.99
CA HIS B 361 -13.93 -18.21 3.97
C HIS B 361 -14.46 -19.33 4.88
N GLU B 362 -14.84 -18.94 6.11
CA GLU B 362 -15.43 -19.79 7.13
C GLU B 362 -16.90 -20.07 6.83
N GLY B 363 -17.59 -19.08 6.27
CA GLY B 363 -19.02 -19.15 5.91
C GLY B 363 -19.43 -20.26 4.97
N VAL B 364 -18.50 -20.72 4.11
CA VAL B 364 -18.77 -21.83 3.18
C VAL B 364 -19.10 -23.13 3.97
N LEU B 365 -18.63 -23.23 5.23
CA LEU B 365 -18.91 -24.36 6.12
C LEU B 365 -20.39 -24.50 6.47
N TYR B 366 -21.15 -23.39 6.43
CA TYR B 366 -22.61 -23.42 6.69
C TYR B 366 -23.41 -23.07 5.43
N ASN B 367 -22.76 -23.13 4.25
CA ASN B 367 -23.45 -22.81 3.01
C ASN B 367 -24.31 -23.99 2.55
N PRO B 368 -25.58 -23.75 2.11
CA PRO B 368 -26.44 -24.86 1.69
C PRO B 368 -25.99 -25.62 0.46
N LEU B 369 -25.36 -24.95 -0.50
CA LEU B 369 -24.83 -25.61 -1.68
C LEU B 369 -23.65 -26.50 -1.31
N ALA B 370 -22.76 -26.03 -0.41
CA ALA B 370 -21.62 -26.82 0.08
C ALA B 370 -22.12 -28.12 0.70
N TRP B 371 -23.16 -28.05 1.57
CA TRP B 371 -23.76 -29.20 2.22
C TRP B 371 -24.42 -30.15 1.21
N ALA B 372 -25.22 -29.60 0.26
CA ALA B 372 -25.87 -30.40 -0.79
C ALA B 372 -24.81 -31.12 -1.64
N LEU B 373 -23.69 -30.44 -1.94
CA LEU B 373 -22.60 -31.03 -2.71
C LEU B 373 -21.82 -32.09 -1.93
N ALA B 374 -21.59 -31.86 -0.63
CA ALA B 374 -20.90 -32.82 0.25
C ALA B 374 -21.72 -34.13 0.34
N VAL B 375 -23.05 -34.01 0.57
CA VAL B 375 -23.98 -35.14 0.64
C VAL B 375 -24.05 -35.86 -0.71
N ASP B 376 -24.17 -35.10 -1.83
CA ASP B 376 -24.21 -35.69 -3.17
C ASP B 376 -22.90 -36.45 -3.48
N ALA B 377 -21.73 -35.87 -3.10
CA ALA B 377 -20.41 -36.50 -3.31
C ALA B 377 -20.31 -37.85 -2.58
N LEU B 378 -20.78 -37.90 -1.32
CA LEU B 378 -20.74 -39.11 -0.50
C LEU B 378 -21.71 -40.21 -0.95
N SER B 379 -22.82 -39.83 -1.60
CA SER B 379 -23.82 -40.79 -2.06
C SER B 379 -23.65 -41.25 -3.52
N HIS B 380 -22.61 -40.77 -4.23
CA HIS B 380 -22.36 -41.18 -5.63
C HIS B 380 -20.89 -41.42 -5.91
N ASP B 381 -20.59 -42.30 -6.88
CA ASP B 381 -19.22 -42.55 -7.34
C ASP B 381 -18.76 -41.26 -8.00
N GLY B 382 -17.54 -40.85 -7.70
CA GLY B 382 -17.03 -39.61 -8.23
C GLY B 382 -17.36 -38.42 -7.33
N PRO B 383 -17.08 -37.19 -7.82
CA PRO B 383 -17.31 -36.02 -6.96
C PRO B 383 -18.76 -35.54 -6.95
N GLY B 384 -19.02 -34.53 -6.13
CA GLY B 384 -20.33 -33.86 -6.04
C GLY B 384 -20.62 -33.24 -7.38
N ASP B 385 -21.88 -33.32 -7.82
CA ASP B 385 -22.30 -32.83 -9.12
C ASP B 385 -23.53 -31.91 -8.97
N PRO B 386 -23.39 -30.59 -9.25
CA PRO B 386 -24.55 -29.68 -9.12
C PRO B 386 -25.72 -29.99 -10.06
N SER B 387 -25.47 -30.73 -11.16
CA SER B 387 -26.53 -31.11 -12.12
C SER B 387 -27.50 -32.13 -11.53
N ARG B 388 -27.08 -32.88 -10.47
CA ARG B 388 -27.96 -33.86 -9.80
C ARG B 388 -28.81 -33.21 -8.70
N LEU B 389 -28.55 -31.93 -8.38
CA LEU B 389 -29.28 -31.21 -7.33
C LEU B 389 -30.43 -30.37 -7.88
N ASP B 390 -31.45 -30.11 -7.04
CA ASP B 390 -32.53 -29.21 -7.40
C ASP B 390 -32.01 -27.85 -6.94
N LEU B 391 -31.38 -27.12 -7.88
CA LEU B 391 -30.74 -25.84 -7.60
C LEU B 391 -31.70 -24.74 -7.21
N ASP B 392 -32.95 -24.76 -7.70
CA ASP B 392 -33.94 -23.76 -7.28
C ASP B 392 -34.17 -23.89 -5.78
N VAL B 393 -34.25 -25.14 -5.28
CA VAL B 393 -34.43 -25.48 -3.86
C VAL B 393 -33.13 -25.20 -3.05
N VAL B 394 -31.99 -25.73 -3.50
CA VAL B 394 -30.70 -25.56 -2.79
C VAL B 394 -30.29 -24.06 -2.73
N CYS B 395 -30.31 -23.37 -3.88
CA CYS B 395 -29.91 -21.95 -3.97
C CYS B 395 -30.86 -21.00 -3.23
N GLY B 396 -32.10 -21.43 -2.99
CA GLY B 396 -33.10 -20.66 -2.24
C GLY B 396 -32.84 -20.61 -0.75
N ARG B 397 -32.03 -21.55 -0.23
CA ARG B 397 -31.69 -21.63 1.19
C ARG B 397 -30.53 -20.66 1.53
N VAL B 398 -30.44 -20.28 2.83
CA VAL B 398 -29.33 -19.49 3.39
C VAL B 398 -28.47 -20.40 4.28
N LEU B 399 -29.10 -21.47 4.80
CA LEU B 399 -28.44 -22.50 5.62
C LEU B 399 -28.91 -23.88 5.15
N PRO B 400 -28.12 -24.96 5.34
CA PRO B 400 -28.66 -26.29 5.00
C PRO B 400 -29.70 -26.68 6.07
N PRO B 401 -30.68 -27.56 5.78
CA PRO B 401 -31.67 -27.91 6.83
C PRO B 401 -31.05 -28.44 8.13
N GLN B 402 -29.85 -29.01 8.02
CA GLN B 402 -29.09 -29.62 9.12
C GLN B 402 -28.51 -28.60 10.11
N LEU B 403 -28.41 -27.32 9.71
CA LEU B 403 -27.83 -26.29 10.57
C LEU B 403 -28.83 -25.19 10.94
N GLY B 404 -28.54 -24.51 12.03
CA GLY B 404 -29.34 -23.40 12.54
C GLY B 404 -28.50 -22.17 12.79
N LEU B 405 -29.10 -21.17 13.46
CA LEU B 405 -28.47 -19.90 13.80
C LEU B 405 -27.15 -20.04 14.57
N ASP B 406 -27.11 -20.85 15.65
CA ASP B 406 -25.89 -21.04 16.48
C ASP B 406 -24.72 -21.61 15.71
N ASP B 407 -25.02 -22.38 14.64
CA ASP B 407 -24.02 -22.97 13.77
C ASP B 407 -23.38 -21.88 12.92
N LEU B 408 -24.21 -20.95 12.41
CA LEU B 408 -23.76 -19.80 11.62
C LEU B 408 -22.86 -18.92 12.53
N LEU B 409 -23.38 -18.52 13.70
CA LEU B 409 -22.68 -17.65 14.66
C LEU B 409 -21.40 -18.25 15.19
N GLY B 410 -21.45 -19.53 15.55
CA GLY B 410 -20.29 -20.28 16.03
C GLY B 410 -19.19 -20.40 15.00
N THR B 411 -19.56 -20.70 13.73
CA THR B 411 -18.61 -20.78 12.61
C THR B 411 -17.92 -19.43 12.40
N GLU B 412 -18.67 -18.32 12.53
CA GLU B 412 -18.11 -16.98 12.42
C GLU B 412 -17.13 -16.68 13.57
N GLY B 413 -17.48 -17.14 14.79
CA GLY B 413 -16.69 -16.97 16.00
C GLY B 413 -15.31 -17.61 15.96
N LEU B 414 -15.12 -18.61 15.06
CA LEU B 414 -13.84 -19.30 14.86
C LEU B 414 -12.69 -18.32 14.56
N LEU B 415 -13.00 -17.16 13.92
CA LEU B 415 -11.99 -16.14 13.60
C LEU B 415 -11.28 -15.59 14.82
N LEU B 416 -11.99 -15.50 15.95
CA LEU B 416 -11.43 -15.02 17.23
C LEU B 416 -10.36 -15.96 17.73
N ILE B 417 -10.57 -17.28 17.58
CA ILE B 417 -9.61 -18.32 17.96
C ILE B 417 -8.41 -18.25 17.02
N ALA B 418 -8.67 -18.10 15.71
CA ALA B 418 -7.63 -18.00 14.68
C ALA B 418 -6.68 -16.84 14.99
N LEU B 419 -7.24 -15.67 15.37
CA LEU B 419 -6.42 -14.51 15.74
C LEU B 419 -5.57 -14.80 16.99
N ALA B 420 -6.19 -15.40 18.03
CA ALA B 420 -5.49 -15.74 19.27
C ALA B 420 -4.31 -16.69 19.00
N GLU B 421 -4.55 -17.74 18.21
CA GLU B 421 -3.53 -18.72 17.84
C GLU B 421 -2.38 -18.08 17.05
N VAL B 422 -2.69 -17.25 16.04
CA VAL B 422 -1.70 -16.53 15.22
C VAL B 422 -0.81 -15.63 16.11
N LEU B 423 -1.43 -14.84 17.00
CA LEU B 423 -0.69 -13.90 17.86
C LEU B 423 0.16 -14.58 18.92
N ALA B 424 -0.32 -15.73 19.46
CA ALA B 424 0.37 -16.51 20.49
C ALA B 424 1.54 -17.29 19.91
N TYR B 425 1.52 -17.57 18.59
CA TYR B 425 2.55 -18.36 17.92
C TYR B 425 3.94 -17.78 18.05
N LYS B 426 4.87 -18.58 18.58
CA LYS B 426 6.28 -18.19 18.80
C LYS B 426 7.22 -19.39 18.55
N PRO B 427 8.43 -19.20 17.99
CA PRO B 427 8.96 -17.93 17.43
C PRO B 427 8.27 -17.58 16.11
N LYS B 428 8.06 -16.28 15.86
CA LYS B 428 7.47 -15.85 14.58
C LYS B 428 8.53 -15.90 13.49
N THR B 429 8.13 -16.03 12.21
CA THR B 429 9.06 -16.15 11.09
C THR B 429 8.81 -15.08 10.02
N PHE B 430 9.86 -14.68 9.31
CA PHE B 430 9.80 -13.67 8.25
C PHE B 430 9.65 -14.25 6.84
N GLY B 431 9.83 -15.56 6.73
CA GLY B 431 9.73 -16.27 5.46
C GLY B 431 9.38 -17.73 5.63
N GLU B 432 9.11 -18.42 4.53
CA GLU B 432 8.74 -19.84 4.57
C GLU B 432 9.92 -20.77 4.90
N PRO B 433 9.70 -21.97 5.48
CA PRO B 433 10.84 -22.87 5.76
C PRO B 433 11.35 -23.58 4.50
N ALA B 434 12.47 -24.30 4.64
CA ALA B 434 13.07 -25.10 3.58
C ALA B 434 12.13 -26.24 3.18
N ILE B 435 12.16 -26.62 1.88
CA ILE B 435 11.36 -27.73 1.35
C ILE B 435 11.95 -29.05 1.87
N ALA B 436 11.06 -29.99 2.28
CA ALA B 436 11.42 -31.32 2.75
C ALA B 436 12.21 -32.05 1.65
N SER B 437 13.25 -32.79 2.04
CA SER B 437 14.13 -33.51 1.12
C SER B 437 13.40 -34.44 0.16
N TYR B 438 12.32 -35.11 0.61
CA TYR B 438 11.51 -36.01 -0.23
C TYR B 438 10.78 -35.28 -1.37
N ALA B 439 10.47 -33.98 -1.18
CA ALA B 439 9.77 -33.16 -2.15
C ALA B 439 10.76 -32.37 -3.01
N HIS B 440 11.91 -31.98 -2.43
CA HIS B 440 12.97 -31.23 -3.13
C HIS B 440 13.79 -32.18 -3.99
N ASP C 13 -2.99 -2.53 -47.13
CA ASP C 13 -3.16 -2.72 -45.69
C ASP C 13 -3.86 -4.05 -45.37
N LEU C 14 -3.64 -4.57 -44.14
CA LEU C 14 -4.24 -5.81 -43.66
C LEU C 14 -5.56 -5.54 -42.95
N SER C 15 -6.35 -6.58 -42.72
CA SER C 15 -7.63 -6.50 -42.02
C SER C 15 -7.63 -7.45 -40.81
N LEU C 16 -8.65 -7.36 -39.95
CA LEU C 16 -8.81 -8.24 -38.79
C LEU C 16 -8.93 -9.70 -39.28
N VAL C 17 -9.64 -9.91 -40.42
CA VAL C 17 -9.84 -11.20 -41.08
C VAL C 17 -8.50 -11.82 -41.49
N SER C 18 -7.67 -11.09 -42.27
CA SER C 18 -6.37 -11.57 -42.75
C SER C 18 -5.39 -11.89 -41.63
N ILE C 19 -5.34 -11.05 -40.57
CA ILE C 19 -4.45 -11.25 -39.41
C ILE C 19 -4.84 -12.54 -38.68
N LEU C 20 -6.15 -12.73 -38.44
CA LEU C 20 -6.68 -13.92 -37.76
C LEU C 20 -6.59 -15.17 -38.62
N SER C 21 -6.72 -15.03 -39.96
CA SER C 21 -6.57 -16.13 -40.92
C SER C 21 -5.12 -16.61 -40.95
N SER C 22 -4.17 -15.64 -40.89
CA SER C 22 -2.73 -15.90 -40.86
C SER C 22 -2.34 -16.63 -39.56
N ALA C 23 -2.97 -16.27 -38.42
CA ALA C 23 -2.73 -16.90 -37.11
C ALA C 23 -3.26 -18.33 -37.10
N ALA C 24 -4.43 -18.56 -37.75
CA ALA C 24 -5.09 -19.86 -37.86
C ALA C 24 -4.23 -20.86 -38.65
N ASN C 25 -3.40 -20.34 -39.58
CA ASN C 25 -2.49 -21.12 -40.41
C ASN C 25 -1.03 -20.99 -39.95
N ASP C 26 -0.80 -20.39 -38.77
CA ASP C 26 0.54 -20.19 -38.19
C ASP C 26 0.90 -21.33 -37.24
N SER C 27 1.88 -22.15 -37.64
CA SER C 27 2.38 -23.32 -36.90
C SER C 27 2.92 -23.01 -35.50
N SER C 28 3.43 -21.78 -35.27
CA SER C 28 3.98 -21.37 -33.96
C SER C 28 2.92 -21.19 -32.88
N ILE C 29 1.68 -20.90 -33.29
CA ILE C 29 0.54 -20.67 -32.38
C ILE C 29 0.00 -22.01 -31.88
N GLU C 30 -0.36 -22.10 -30.59
CA GLU C 30 -0.95 -23.32 -30.00
C GLU C 30 -2.31 -23.65 -30.63
N SER C 31 -2.63 -24.96 -30.68
CA SER C 31 -3.83 -25.56 -31.27
C SER C 31 -5.14 -24.79 -30.99
N GLU C 32 -5.43 -24.52 -29.71
CA GLU C 32 -6.64 -23.83 -29.26
C GLU C 32 -6.75 -22.40 -29.80
N ALA C 33 -5.65 -21.62 -29.73
CA ALA C 33 -5.65 -20.24 -30.23
C ALA C 33 -5.81 -20.19 -31.77
N ARG C 34 -5.23 -21.18 -32.50
CA ARG C 34 -5.36 -21.30 -33.96
C ARG C 34 -6.83 -21.56 -34.31
N SER C 35 -7.49 -22.46 -33.55
CA SER C 35 -8.90 -22.83 -33.70
C SER C 35 -9.81 -21.61 -33.47
N ILE C 36 -9.57 -20.83 -32.39
CA ILE C 36 -10.33 -19.62 -32.04
C ILE C 36 -10.16 -18.54 -33.12
N ALA C 37 -8.93 -18.35 -33.62
CA ALA C 37 -8.60 -17.39 -34.69
C ALA C 37 -9.32 -17.78 -35.98
N SER C 38 -9.40 -19.10 -36.28
CA SER C 38 -10.08 -19.64 -37.46
C SER C 38 -11.59 -19.40 -37.36
N LEU C 39 -12.20 -19.78 -36.21
CA LEU C 39 -13.63 -19.61 -35.92
C LEU C 39 -14.07 -18.16 -36.03
N ILE C 40 -13.29 -17.23 -35.43
CA ILE C 40 -13.58 -15.79 -35.48
C ILE C 40 -13.48 -15.28 -36.91
N ALA C 41 -12.35 -15.50 -37.62
CA ALA C 41 -12.14 -15.07 -39.02
C ALA C 41 -13.27 -15.56 -39.94
N SER C 42 -13.75 -16.82 -39.75
CA SER C 42 -14.85 -17.40 -40.52
C SER C 42 -16.16 -16.69 -40.21
N GLU C 43 -16.44 -16.46 -38.91
CA GLU C 43 -17.65 -15.79 -38.45
C GLU C 43 -17.67 -14.28 -38.79
N ILE C 44 -16.50 -13.65 -39.01
CA ILE C 44 -16.45 -12.24 -39.43
C ILE C 44 -16.96 -12.18 -40.89
N VAL C 45 -16.38 -13.03 -41.78
CA VAL C 45 -16.72 -13.16 -43.21
C VAL C 45 -18.21 -13.53 -43.40
N SER C 46 -18.69 -14.52 -42.62
CA SER C 46 -20.06 -15.03 -42.65
C SER C 46 -21.10 -13.99 -42.21
N LYS C 47 -20.89 -13.36 -41.03
CA LYS C 47 -21.78 -12.35 -40.44
C LYS C 47 -21.92 -11.08 -41.29
N ILE C 48 -20.81 -10.57 -41.86
CA ILE C 48 -20.80 -9.37 -42.71
C ILE C 48 -21.66 -9.59 -43.97
N GLY C 49 -21.44 -10.73 -44.64
CA GLY C 49 -22.18 -11.11 -45.84
C GLY C 49 -23.57 -11.61 -45.53
N ASP C 59 -28.72 -11.16 -33.33
CA ASP C 59 -28.37 -9.81 -32.91
C ASP C 59 -29.17 -9.35 -31.71
N ALA C 60 -28.53 -8.59 -30.82
CA ALA C 60 -29.16 -8.00 -29.65
C ALA C 60 -29.98 -6.79 -30.12
N LYS C 61 -31.29 -6.82 -29.89
CA LYS C 61 -32.19 -5.74 -30.30
C LYS C 61 -32.40 -4.71 -29.19
N SER C 62 -31.86 -5.00 -27.99
CA SER C 62 -31.95 -4.14 -26.83
C SER C 62 -30.69 -4.26 -25.98
N VAL C 63 -30.53 -3.32 -25.02
CA VAL C 63 -29.42 -3.29 -24.06
C VAL C 63 -29.55 -4.50 -23.12
N GLN C 64 -30.80 -4.87 -22.76
CA GLN C 64 -31.10 -6.04 -21.92
C GLN C 64 -30.68 -7.33 -22.61
N GLU C 65 -30.97 -7.46 -23.91
CA GLU C 65 -30.60 -8.62 -24.73
C GLU C 65 -29.08 -8.77 -24.80
N ALA C 66 -28.37 -7.64 -24.88
CA ALA C 66 -26.90 -7.60 -24.91
C ALA C 66 -26.34 -8.14 -23.60
N PHE C 67 -26.96 -7.77 -22.46
CA PHE C 67 -26.58 -8.25 -21.14
C PHE C 67 -26.92 -9.71 -20.95
N ASP C 68 -28.04 -10.19 -21.54
CA ASP C 68 -28.45 -11.59 -21.49
C ASP C 68 -27.40 -12.45 -22.19
N LYS C 69 -26.88 -12.00 -23.34
CA LYS C 69 -25.81 -12.68 -24.08
C LYS C 69 -24.52 -12.75 -23.24
N ILE C 70 -24.14 -11.64 -22.55
CA ILE C 70 -22.96 -11.57 -21.69
C ILE C 70 -23.12 -12.53 -20.50
N GLN C 71 -24.32 -12.51 -19.87
CA GLN C 71 -24.70 -13.39 -18.75
C GLN C 71 -24.55 -14.87 -19.14
N SER C 72 -24.97 -15.23 -20.39
CA SER C 72 -24.86 -16.61 -20.89
C SER C 72 -23.40 -17.07 -20.98
N ILE C 73 -22.46 -16.15 -21.31
CA ILE C 73 -21.02 -16.46 -21.37
C ILE C 73 -20.53 -16.77 -19.95
N PHE C 74 -21.04 -16.00 -18.96
CA PHE C 74 -20.70 -16.08 -17.53
C PHE C 74 -21.43 -17.18 -16.73
N ALA C 75 -22.39 -17.89 -17.38
CA ALA C 75 -23.19 -18.97 -16.76
C ALA C 75 -22.34 -20.06 -16.11
N ASP C 76 -21.21 -20.42 -16.72
CA ASP C 76 -20.30 -21.44 -16.17
C ASP C 76 -19.17 -20.82 -15.31
N GLY C 77 -19.29 -19.53 -15.05
CA GLY C 77 -18.33 -18.78 -14.25
C GLY C 77 -17.66 -17.71 -15.08
N THR C 78 -16.82 -16.88 -14.45
CA THR C 78 -16.09 -15.83 -15.15
C THR C 78 -15.10 -16.51 -16.11
N PRO C 79 -15.23 -16.28 -17.44
CA PRO C 79 -14.32 -16.93 -18.38
C PRO C 79 -12.91 -16.32 -18.32
N ASP C 80 -11.97 -16.88 -19.09
CA ASP C 80 -10.65 -16.27 -19.22
C ASP C 80 -10.73 -15.45 -20.53
N PHE C 81 -9.63 -14.83 -20.95
CA PHE C 81 -9.57 -14.04 -22.18
C PHE C 81 -9.99 -14.82 -23.44
N LEU C 82 -9.40 -16.00 -23.66
CA LEU C 82 -9.67 -16.82 -24.85
C LEU C 82 -11.12 -17.28 -24.94
N LYS C 83 -11.71 -17.76 -23.82
CA LYS C 83 -13.11 -18.19 -23.81
C LYS C 83 -14.04 -17.00 -24.08
N MET C 84 -13.80 -15.85 -23.42
CA MET C 84 -14.58 -14.62 -23.58
C MET C 84 -14.61 -14.19 -25.05
N THR C 85 -13.43 -14.13 -25.71
CA THR C 85 -13.27 -13.72 -27.10
C THR C 85 -13.97 -14.70 -28.06
N ARG C 86 -13.83 -16.02 -27.80
CA ARG C 86 -14.46 -17.09 -28.58
C ARG C 86 -16.00 -16.99 -28.48
N GLU C 87 -16.53 -16.87 -27.25
CA GLU C 87 -17.97 -16.83 -26.98
C GLU C 87 -18.68 -15.57 -27.46
N ILE C 88 -17.94 -14.44 -27.59
CA ILE C 88 -18.44 -13.14 -28.07
C ILE C 88 -19.17 -13.30 -29.44
N LEU C 89 -18.58 -14.08 -30.36
CA LEU C 89 -19.15 -14.34 -31.68
C LEU C 89 -20.11 -15.53 -31.71
N THR C 90 -19.90 -16.51 -30.82
CA THR C 90 -20.76 -17.70 -30.70
C THR C 90 -22.18 -17.27 -30.27
N VAL C 91 -22.27 -16.30 -29.33
CA VAL C 91 -23.56 -15.77 -28.84
C VAL C 91 -24.13 -14.69 -29.78
N GLY C 92 -23.38 -14.33 -30.82
CA GLY C 92 -23.76 -13.32 -31.80
C GLY C 92 -23.97 -11.95 -31.20
N LEU C 93 -23.03 -11.51 -30.34
CA LEU C 93 -23.11 -10.22 -29.66
C LEU C 93 -22.73 -9.05 -30.58
N ILE C 94 -21.83 -9.27 -31.54
CA ILE C 94 -21.40 -8.19 -32.41
C ILE C 94 -22.15 -8.19 -33.75
N PRO C 95 -22.90 -7.10 -34.07
CA PRO C 95 -23.60 -7.06 -35.37
C PRO C 95 -22.64 -6.81 -36.55
N ALA C 96 -23.10 -7.11 -37.77
CA ALA C 96 -22.34 -6.99 -39.03
C ALA C 96 -21.67 -5.64 -39.24
N ASP C 97 -22.39 -4.51 -39.02
CA ASP C 97 -21.86 -3.15 -39.19
C ASP C 97 -20.70 -2.85 -38.25
N ILE C 98 -20.80 -3.27 -36.97
CA ILE C 98 -19.72 -3.08 -35.99
C ILE C 98 -18.53 -3.99 -36.36
N LEU C 99 -18.80 -5.26 -36.76
CA LEU C 99 -17.76 -6.21 -37.20
C LEU C 99 -17.00 -5.68 -38.40
N SER C 100 -17.71 -5.03 -39.36
CA SER C 100 -17.12 -4.44 -40.56
C SER C 100 -16.19 -3.28 -40.17
N PHE C 101 -16.63 -2.45 -39.20
CA PHE C 101 -15.85 -1.33 -38.67
C PHE C 101 -14.58 -1.84 -37.98
N LEU C 102 -14.72 -2.83 -37.07
CA LEU C 102 -13.58 -3.43 -36.34
C LEU C 102 -12.58 -4.09 -37.28
N ASN C 103 -13.06 -4.69 -38.39
CA ASN C 103 -12.26 -5.33 -39.43
C ASN C 103 -11.22 -4.37 -40.05
N GLY C 104 -11.60 -3.09 -40.17
CA GLY C 104 -10.72 -2.05 -40.69
C GLY C 104 -10.04 -1.23 -39.61
N TYR C 105 -9.90 -1.76 -38.37
CA TYR C 105 -9.29 -1.04 -37.25
C TYR C 105 -7.90 -0.44 -37.56
N LEU C 106 -7.09 -1.11 -38.41
CA LEU C 106 -5.75 -0.61 -38.77
C LEU C 106 -5.79 0.71 -39.51
N ASN C 107 -6.94 1.01 -40.16
CA ASN C 107 -7.11 2.26 -40.91
C ASN C 107 -8.04 3.26 -40.20
N LEU C 108 -8.33 3.00 -38.91
CA LEU C 108 -9.10 3.94 -38.10
C LEU C 108 -8.10 5.02 -37.70
N ASP C 109 -8.37 6.29 -38.05
CA ASP C 109 -7.46 7.41 -37.78
C ASP C 109 -7.07 7.53 -36.30
N LEU C 110 -8.03 7.23 -35.40
CA LEU C 110 -7.82 7.27 -33.94
C LEU C 110 -6.80 6.24 -33.45
N ASN C 111 -6.41 5.26 -34.31
CA ASN C 111 -5.44 4.20 -34.01
C ASN C 111 -4.03 4.50 -34.52
N SER C 112 -3.86 5.55 -35.33
CA SER C 112 -2.59 5.95 -35.95
C SER C 112 -1.43 6.19 -34.98
N ILE C 113 -0.26 5.64 -35.34
CA ILE C 113 1.00 5.82 -34.62
C ILE C 113 1.91 6.73 -35.46
N HIS C 114 1.39 7.26 -36.58
CA HIS C 114 2.12 8.13 -37.51
C HIS C 114 1.45 9.52 -37.64
N ASN C 115 1.12 10.13 -36.50
CA ASN C 115 0.48 11.45 -36.48
C ASN C 115 1.53 12.55 -36.71
N ARG C 116 1.15 13.62 -37.42
CA ARG C 116 2.05 14.73 -37.72
C ARG C 116 1.70 15.92 -36.81
N ASN C 117 2.43 16.04 -35.69
CA ASN C 117 2.20 17.05 -34.67
C ASN C 117 3.32 18.10 -34.60
N PRO C 118 3.01 19.38 -34.33
CA PRO C 118 4.08 20.40 -34.29
C PRO C 118 4.96 20.32 -33.04
N SER C 119 6.08 21.08 -33.04
CA SER C 119 7.02 21.15 -31.92
C SER C 119 6.40 21.89 -30.73
N PRO C 120 6.62 21.44 -29.47
CA PRO C 120 6.01 22.14 -28.34
C PRO C 120 6.59 23.52 -28.07
N LYS C 121 5.71 24.47 -27.68
CA LYS C 121 6.08 25.84 -27.35
C LYS C 121 6.65 25.91 -25.94
N GLY C 122 7.57 26.84 -25.73
CA GLY C 122 8.19 27.09 -24.43
C GLY C 122 9.35 26.20 -24.06
N GLN C 123 9.39 25.85 -22.75
CA GLN C 123 10.41 25.02 -22.10
C GLN C 123 10.52 23.64 -22.74
N ALA C 124 11.76 23.13 -22.86
CA ALA C 124 12.07 21.83 -23.45
C ALA C 124 11.53 20.67 -22.63
N ILE C 125 10.97 19.67 -23.31
CA ILE C 125 10.39 18.47 -22.71
C ILE C 125 11.20 17.22 -23.11
N TYR C 126 12.12 17.38 -24.07
CA TYR C 126 12.96 16.31 -24.60
C TYR C 126 14.39 16.83 -24.81
N PRO C 127 15.46 16.07 -24.45
CA PRO C 127 15.47 14.71 -23.86
C PRO C 127 15.06 14.64 -22.39
N VAL C 128 15.23 15.74 -21.62
CA VAL C 128 14.90 15.79 -20.19
C VAL C 128 14.14 17.09 -19.88
N LYS C 129 12.91 16.99 -19.33
CA LYS C 129 12.12 18.17 -18.99
C LYS C 129 12.66 18.83 -17.70
N ALA C 130 12.81 18.03 -16.64
CA ALA C 130 13.30 18.50 -15.35
C ALA C 130 14.25 17.45 -14.77
N PRO C 131 15.36 17.86 -14.10
CA PRO C 131 16.25 16.86 -13.49
C PRO C 131 15.50 15.92 -12.55
N GLY C 132 15.79 14.63 -12.67
CA GLY C 132 15.12 13.59 -11.90
C GLY C 132 14.30 12.68 -12.79
N ASP C 133 13.90 13.17 -13.98
CA ASP C 133 13.14 12.38 -14.96
C ASP C 133 14.06 11.36 -15.59
N ALA C 134 13.55 10.13 -15.79
CA ALA C 134 14.28 9.04 -16.44
C ALA C 134 14.62 9.40 -17.89
N ARG C 135 15.73 8.84 -18.42
CA ARG C 135 16.17 9.07 -19.80
C ARG C 135 15.23 8.37 -20.78
N TYR C 136 14.81 9.06 -21.85
CA TYR C 136 13.95 8.48 -22.88
C TYR C 136 14.83 7.59 -23.77
N SER C 137 14.41 6.33 -23.98
CA SER C 137 15.15 5.42 -24.85
C SER C 137 14.62 5.54 -26.29
N VAL C 138 13.37 6.01 -26.42
CA VAL C 138 12.65 6.22 -27.69
C VAL C 138 12.92 7.63 -28.19
N ALA C 139 13.07 7.80 -29.53
CA ALA C 139 13.28 9.07 -30.21
C ALA C 139 12.03 9.95 -30.08
N GLU C 140 12.21 11.29 -30.02
CA GLU C 140 11.14 12.28 -29.88
C GLU C 140 10.05 12.16 -30.96
N ASN C 141 10.46 11.98 -32.24
CA ASN C 141 9.53 11.86 -33.37
C ASN C 141 8.56 10.68 -33.21
N ALA C 142 9.08 9.49 -32.83
CA ALA C 142 8.26 8.28 -32.60
C ALA C 142 7.31 8.46 -31.41
N LEU C 143 7.76 9.21 -30.37
CA LEU C 143 6.96 9.51 -29.16
C LEU C 143 5.81 10.44 -29.50
N ARG C 144 6.09 11.55 -30.22
CA ARG C 144 5.11 12.55 -30.64
C ARG C 144 4.12 12.01 -31.68
N ALA C 145 4.59 11.16 -32.62
CA ALA C 145 3.76 10.58 -33.67
C ALA C 145 2.67 9.63 -33.13
N ALA C 146 2.85 9.12 -31.90
CA ALA C 146 1.92 8.22 -31.23
C ALA C 146 0.67 8.98 -30.73
N ILE C 147 0.75 10.31 -30.63
CA ILE C 147 -0.32 11.18 -30.13
C ILE C 147 -1.28 11.61 -31.24
N HIS C 148 -2.51 11.06 -31.25
CA HIS C 148 -3.53 11.47 -32.22
C HIS C 148 -4.32 12.64 -31.66
N ILE C 149 -4.09 13.84 -32.23
CA ILE C 149 -4.77 15.06 -31.82
C ILE C 149 -5.92 15.36 -32.79
N PRO C 150 -7.20 15.24 -32.34
CA PRO C 150 -8.33 15.52 -33.25
C PRO C 150 -8.37 16.99 -33.70
N ALA C 151 -8.93 17.25 -34.89
CA ALA C 151 -9.03 18.60 -35.46
C ALA C 151 -9.80 19.56 -34.55
N SER C 152 -10.81 19.02 -33.83
CA SER C 152 -11.67 19.77 -32.90
C SER C 152 -10.97 20.21 -31.59
N PHE C 153 -9.76 19.68 -31.30
CA PHE C 153 -8.97 19.98 -30.08
C PHE C 153 -8.75 21.49 -29.89
N GLY C 154 -9.11 21.97 -28.70
CA GLY C 154 -9.07 23.39 -28.34
C GLY C 154 -7.80 23.95 -27.74
N TYR C 155 -6.77 23.10 -27.50
CA TYR C 155 -5.46 23.51 -26.96
C TYR C 155 -5.58 24.31 -25.63
N GLY C 156 -6.55 23.94 -24.80
CA GLY C 156 -6.84 24.58 -23.52
C GLY C 156 -7.39 26.00 -23.61
N LYS C 157 -7.94 26.38 -24.78
CA LYS C 157 -8.49 27.72 -25.03
C LYS C 157 -10.03 27.72 -25.10
N ASN C 158 -10.64 26.52 -25.17
CA ASN C 158 -12.08 26.34 -25.28
C ASN C 158 -12.78 25.96 -23.95
N GLY C 159 -12.08 26.17 -22.83
CA GLY C 159 -12.60 25.85 -21.49
C GLY C 159 -12.73 24.37 -21.22
N LYS C 160 -12.18 23.52 -22.10
CA LYS C 160 -12.21 22.07 -21.99
C LYS C 160 -10.86 21.57 -21.51
N LYS C 161 -10.86 20.71 -20.48
CA LYS C 161 -9.65 20.14 -19.92
C LYS C 161 -9.13 19.02 -20.83
N PRO C 162 -7.85 19.06 -21.27
CA PRO C 162 -7.33 17.98 -22.13
C PRO C 162 -7.23 16.65 -21.38
N VAL C 163 -7.80 15.59 -21.98
CA VAL C 163 -7.81 14.24 -21.40
C VAL C 163 -7.06 13.29 -22.33
N ILE C 164 -5.96 12.71 -21.85
CA ILE C 164 -5.18 11.75 -22.64
C ILE C 164 -5.74 10.34 -22.44
N LEU C 165 -6.24 9.75 -23.53
CA LEU C 165 -6.79 8.40 -23.52
C LEU C 165 -5.63 7.41 -23.73
N VAL C 166 -5.28 6.67 -22.65
CA VAL C 166 -4.21 5.68 -22.63
C VAL C 166 -4.86 4.28 -22.80
N PRO C 167 -4.53 3.55 -23.89
CA PRO C 167 -5.20 2.27 -24.15
C PRO C 167 -4.68 1.09 -23.34
N GLY C 168 -5.29 -0.08 -23.53
CA GLY C 168 -4.90 -1.30 -22.85
C GLY C 168 -4.02 -2.21 -23.68
N THR C 169 -3.73 -3.41 -23.14
CA THR C 169 -2.93 -4.47 -23.78
C THR C 169 -3.59 -4.90 -25.10
N ALA C 170 -2.77 -4.99 -26.19
CA ALA C 170 -3.15 -5.45 -27.53
C ALA C 170 -4.32 -4.70 -28.18
N THR C 171 -4.68 -3.55 -27.63
CA THR C 171 -5.82 -2.76 -28.07
C THR C 171 -5.41 -1.29 -28.25
N PRO C 172 -5.41 -0.74 -29.50
CA PRO C 172 -5.06 0.69 -29.67
C PRO C 172 -6.12 1.64 -29.12
N ALA C 173 -5.83 2.96 -29.03
CA ALA C 173 -6.73 3.98 -28.46
C ALA C 173 -8.14 4.01 -29.06
N GLY C 174 -8.24 4.06 -30.39
CA GLY C 174 -9.52 4.07 -31.10
C GLY C 174 -10.33 2.82 -30.86
N THR C 175 -9.67 1.65 -30.91
CA THR C 175 -10.34 0.36 -30.65
C THR C 175 -10.81 0.29 -29.18
N THR C 176 -10.08 0.92 -28.26
CA THR C 176 -10.45 0.91 -26.85
C THR C 176 -11.62 1.88 -26.55
N TYR C 177 -11.47 3.16 -26.95
CA TYR C 177 -12.39 4.22 -26.55
C TYR C 177 -13.44 4.73 -27.53
N TYR C 178 -13.37 4.38 -28.83
CA TYR C 178 -14.38 4.89 -29.79
C TYR C 178 -15.82 4.68 -29.32
N PHE C 179 -16.13 3.49 -28.79
CA PHE C 179 -17.47 3.16 -28.32
C PHE C 179 -17.70 3.45 -26.83
N ASN C 180 -16.90 4.35 -26.22
CA ASN C 180 -17.07 4.68 -24.80
C ASN C 180 -16.48 6.07 -24.44
N PHE C 181 -15.37 6.12 -23.66
CA PHE C 181 -14.80 7.38 -23.17
C PHE C 181 -14.25 8.31 -24.26
N GLY C 182 -14.34 7.92 -25.53
CA GLY C 182 -14.02 8.80 -26.65
C GLY C 182 -15.07 9.89 -26.72
N LYS C 183 -16.27 9.59 -26.16
CA LYS C 183 -17.42 10.49 -26.05
C LYS C 183 -17.49 11.16 -24.66
N LEU C 184 -16.36 11.21 -23.90
CA LEU C 184 -16.28 11.84 -22.56
C LEU C 184 -16.72 13.32 -22.55
N GLY C 185 -16.43 14.03 -23.65
CA GLY C 185 -16.78 15.43 -23.85
C GLY C 185 -18.27 15.73 -23.86
N SER C 186 -19.11 14.68 -23.98
CA SER C 186 -20.58 14.76 -23.97
C SER C 186 -21.10 14.80 -22.52
N ALA C 187 -20.27 14.40 -21.55
CA ALA C 187 -20.63 14.34 -20.13
C ALA C 187 -19.84 15.32 -19.25
N ALA C 188 -18.60 15.63 -19.66
CA ALA C 188 -17.69 16.51 -18.93
C ALA C 188 -17.00 17.51 -19.86
N ASP C 189 -16.45 18.61 -19.31
CA ASP C 189 -15.71 19.61 -20.10
C ASP C 189 -14.30 19.06 -20.36
N ALA C 190 -14.25 18.07 -21.26
CA ALA C 190 -13.07 17.31 -21.62
C ALA C 190 -12.73 17.37 -23.10
N ASP C 191 -11.44 17.53 -23.41
CA ASP C 191 -10.91 17.57 -24.77
C ASP C 191 -10.03 16.33 -24.93
N VAL C 192 -10.59 15.26 -25.52
CA VAL C 192 -9.89 13.99 -25.63
C VAL C 192 -8.75 14.02 -26.65
N VAL C 193 -7.65 13.36 -26.27
CA VAL C 193 -6.43 13.14 -27.04
C VAL C 193 -6.26 11.61 -27.04
N TRP C 194 -6.00 11.00 -28.20
CA TRP C 194 -5.91 9.56 -28.36
C TRP C 194 -4.46 9.12 -28.46
N LEU C 195 -3.93 8.46 -27.41
CA LEU C 195 -2.54 8.00 -27.40
C LEU C 195 -2.43 6.57 -27.90
N ASN C 196 -1.63 6.33 -28.93
CA ASN C 196 -1.46 4.99 -29.49
C ASN C 196 -0.07 4.45 -29.24
N ILE C 197 0.03 3.39 -28.43
CA ILE C 197 1.32 2.78 -28.12
C ILE C 197 1.70 1.88 -29.32
N PRO C 198 2.91 2.08 -29.93
CA PRO C 198 3.31 1.19 -31.04
C PRO C 198 3.42 -0.25 -30.56
N GLN C 199 3.02 -1.20 -31.43
CA GLN C 199 2.93 -2.64 -31.20
C GLN C 199 1.78 -2.96 -30.23
N ALA C 200 0.78 -2.05 -30.18
CA ALA C 200 -0.44 -2.13 -29.38
C ALA C 200 -0.20 -2.54 -27.92
N SER C 201 0.72 -1.85 -27.22
CA SER C 201 1.06 -2.09 -25.81
C SER C 201 1.56 -3.53 -25.53
N LEU C 202 2.00 -4.25 -26.56
CA LEU C 202 2.49 -5.62 -26.41
C LEU C 202 4.00 -5.67 -26.14
N ASN C 203 4.74 -4.61 -26.45
CA ASN C 203 6.16 -4.61 -26.11
C ASN C 203 6.34 -4.21 -24.65
N ASP C 204 7.59 -4.21 -24.17
CA ASP C 204 8.02 -3.86 -22.81
C ASP C 204 7.21 -2.66 -22.27
N VAL C 205 6.51 -2.88 -21.12
CA VAL C 205 5.68 -1.87 -20.43
C VAL C 205 6.53 -0.66 -20.07
N GLN C 206 7.81 -0.89 -19.71
CA GLN C 206 8.79 0.17 -19.37
C GLN C 206 8.99 1.10 -20.55
N ILE C 207 8.95 0.56 -21.80
CA ILE C 207 9.06 1.32 -23.04
C ILE C 207 7.72 2.00 -23.35
N ASN C 208 6.60 1.27 -23.17
CA ASN C 208 5.23 1.78 -23.41
C ASN C 208 4.93 3.04 -22.59
N SER C 209 5.43 3.07 -21.34
CA SER C 209 5.25 4.17 -20.38
C SER C 209 5.85 5.51 -20.83
N GLU C 210 6.95 5.45 -21.62
CA GLU C 210 7.62 6.64 -22.16
C GLU C 210 6.68 7.46 -23.03
N TYR C 211 5.80 6.76 -23.79
CA TYR C 211 4.78 7.37 -24.64
C TYR C 211 3.74 8.13 -23.82
N VAL C 212 3.45 7.67 -22.58
CA VAL C 212 2.51 8.32 -21.67
C VAL C 212 3.18 9.56 -21.07
N ALA C 213 4.42 9.40 -20.54
CA ALA C 213 5.23 10.49 -19.98
C ALA C 213 5.40 11.63 -20.98
N TYR C 214 5.71 11.30 -22.27
CA TYR C 214 5.87 12.31 -23.31
C TYR C 214 4.56 12.98 -23.63
N ALA C 215 3.46 12.19 -23.82
CA ALA C 215 2.14 12.72 -24.12
C ALA C 215 1.67 13.70 -23.06
N ILE C 216 1.87 13.36 -21.76
CA ILE C 216 1.53 14.23 -20.63
C ILE C 216 2.23 15.60 -20.76
N ASN C 217 3.56 15.59 -20.88
CA ASN C 217 4.36 16.80 -21.00
C ASN C 217 4.10 17.57 -22.29
N TYR C 218 3.89 16.86 -23.42
CA TYR C 218 3.61 17.48 -24.72
C TYR C 218 2.23 18.15 -24.74
N ILE C 219 1.18 17.42 -24.32
CA ILE C 219 -0.19 17.94 -24.29
C ILE C 219 -0.30 19.11 -23.31
N SER C 220 0.41 19.03 -22.16
CA SER C 220 0.40 20.12 -21.18
C SER C 220 1.08 21.37 -21.75
N ALA C 221 2.20 21.19 -22.50
CA ALA C 221 2.96 22.29 -23.12
C ALA C 221 2.18 22.96 -24.25
N ILE C 222 1.58 22.18 -25.17
CA ILE C 222 0.82 22.74 -26.30
C ILE C 222 -0.53 23.36 -25.84
N SER C 223 -1.08 22.90 -24.70
CA SER C 223 -2.33 23.42 -24.17
C SER C 223 -2.17 24.53 -23.14
N GLU C 224 -0.93 24.72 -22.60
CA GLU C 224 -0.59 25.69 -21.55
C GLU C 224 -1.49 25.46 -20.32
N SER C 225 -1.78 24.18 -20.04
CA SER C 225 -2.71 23.77 -19.00
C SER C 225 -2.35 22.44 -18.41
N ASN C 226 -2.90 22.15 -17.22
CA ASN C 226 -2.77 20.85 -16.60
C ASN C 226 -3.69 19.90 -17.36
N VAL C 227 -3.39 18.60 -17.32
CA VAL C 227 -4.17 17.62 -18.07
C VAL C 227 -4.76 16.55 -17.15
N ALA C 228 -5.65 15.73 -17.71
CA ALA C 228 -6.21 14.58 -17.04
C ALA C 228 -5.77 13.36 -17.85
N VAL C 229 -5.67 12.21 -17.19
CA VAL C 229 -5.29 10.98 -17.87
C VAL C 229 -6.38 9.96 -17.59
N LEU C 230 -6.99 9.40 -18.64
CA LEU C 230 -7.99 8.36 -18.50
C LEU C 230 -7.38 7.12 -19.16
N SER C 231 -7.13 6.09 -18.33
CA SER C 231 -6.50 4.85 -18.77
C SER C 231 -7.42 3.63 -18.64
N TRP C 232 -7.14 2.58 -19.42
CA TRP C 232 -7.86 1.30 -19.38
C TRP C 232 -6.83 0.19 -19.39
N SER C 233 -7.07 -0.86 -18.58
CA SER C 233 -6.24 -2.07 -18.47
C SER C 233 -4.78 -1.69 -18.17
N GLN C 234 -3.81 -2.19 -18.99
CA GLN C 234 -2.37 -1.90 -18.87
C GLN C 234 -2.07 -0.38 -18.85
N GLY C 235 -2.98 0.41 -19.43
CA GLY C 235 -2.88 1.88 -19.45
C GLY C 235 -2.60 2.47 -18.07
N GLY C 236 -3.15 1.84 -17.04
CA GLY C 236 -2.95 2.20 -15.64
C GLY C 236 -1.50 2.02 -15.22
N LEU C 237 -0.90 0.88 -15.63
CA LEU C 237 0.52 0.57 -15.34
C LEU C 237 1.44 1.51 -16.09
N ASP C 238 1.12 1.80 -17.37
CA ASP C 238 1.90 2.71 -18.21
C ASP C 238 1.93 4.10 -17.60
N THR C 239 0.77 4.57 -17.10
CA THR C 239 0.65 5.89 -16.48
C THR C 239 1.37 5.94 -15.13
N GLN C 240 1.18 4.91 -14.30
CA GLN C 240 1.82 4.82 -12.99
C GLN C 240 3.34 4.81 -13.11
N TRP C 241 3.89 4.02 -14.07
CA TRP C 241 5.33 3.95 -14.33
C TRP C 241 5.86 5.31 -14.79
N ALA C 242 5.11 5.99 -15.70
CA ALA C 242 5.45 7.31 -16.23
C ALA C 242 5.46 8.35 -15.12
N LEU C 243 4.44 8.36 -14.22
CA LEU C 243 4.37 9.28 -13.09
C LEU C 243 5.54 9.06 -12.13
N LYS C 244 5.85 7.78 -11.82
CA LYS C 244 6.95 7.41 -10.92
C LYS C 244 8.33 7.84 -11.44
N TYR C 245 8.67 7.45 -12.68
CA TYR C 245 10.00 7.67 -13.23
C TYR C 245 10.19 8.99 -14.01
N TRP C 246 9.11 9.73 -14.32
CA TRP C 246 9.21 11.06 -14.92
C TRP C 246 8.48 11.99 -13.93
N PRO C 247 9.08 12.34 -12.75
CA PRO C 247 8.35 13.16 -11.76
C PRO C 247 7.78 14.50 -12.26
N SER C 248 8.31 15.06 -13.36
CA SER C 248 7.80 16.32 -13.92
C SER C 248 6.33 16.18 -14.38
N THR C 249 5.93 14.96 -14.82
CA THR C 249 4.56 14.66 -15.25
C THR C 249 3.55 14.80 -14.10
N ARG C 250 3.99 14.56 -12.84
CA ARG C 250 3.12 14.64 -11.65
C ARG C 250 2.53 16.04 -11.46
N LYS C 251 3.36 17.07 -11.68
CA LYS C 251 2.99 18.49 -11.53
C LYS C 251 1.89 18.95 -12.49
N VAL C 252 1.72 18.26 -13.64
CA VAL C 252 0.74 18.70 -14.64
C VAL C 252 -0.46 17.74 -14.79
N VAL C 253 -0.53 16.63 -14.03
CA VAL C 253 -1.69 15.73 -14.10
C VAL C 253 -2.62 16.03 -12.93
N ASP C 254 -3.83 16.54 -13.22
CA ASP C 254 -4.83 16.88 -12.20
C ASP C 254 -5.64 15.68 -11.74
N ASP C 255 -5.92 14.76 -12.66
CA ASP C 255 -6.69 13.55 -12.41
C ASP C 255 -6.16 12.39 -13.22
N PHE C 256 -6.07 11.23 -12.58
CA PHE C 256 -5.71 9.98 -13.21
C PHE C 256 -6.91 9.06 -12.97
N ILE C 257 -7.72 8.86 -14.00
CA ILE C 257 -8.91 8.00 -13.95
C ILE C 257 -8.48 6.67 -14.57
N ALA C 258 -8.38 5.64 -13.73
CA ALA C 258 -7.91 4.33 -14.16
C ALA C 258 -9.03 3.29 -14.20
N ILE C 259 -9.42 2.90 -15.42
CA ILE C 259 -10.47 1.91 -15.68
C ILE C 259 -9.82 0.53 -15.72
N SER C 260 -10.36 -0.41 -14.91
CA SER C 260 -9.88 -1.79 -14.77
C SER C 260 -8.33 -1.85 -14.71
N PRO C 261 -7.67 -1.07 -13.81
CA PRO C 261 -6.21 -1.08 -13.79
C PRO C 261 -5.62 -2.27 -13.06
N ASP C 262 -4.55 -2.83 -13.60
CA ASP C 262 -3.89 -3.96 -12.97
C ASP C 262 -2.56 -3.53 -12.34
N PHE C 263 -2.64 -2.66 -11.29
CA PHE C 263 -1.47 -2.12 -10.59
C PHE C 263 -0.59 -3.18 -9.91
N HIS C 264 -1.13 -4.38 -9.69
CA HIS C 264 -0.36 -5.49 -9.14
C HIS C 264 -0.35 -6.64 -10.16
N GLY C 265 -0.73 -6.34 -11.39
CA GLY C 265 -0.82 -7.34 -12.45
C GLY C 265 -1.95 -8.32 -12.18
N THR C 266 -1.80 -9.55 -12.61
CA THR C 266 -2.83 -10.59 -12.42
C THR C 266 -2.19 -11.93 -12.18
N VAL C 267 -2.93 -12.83 -11.51
CA VAL C 267 -2.44 -14.19 -11.25
C VAL C 267 -2.88 -15.13 -12.35
N MET C 268 -2.17 -16.24 -12.47
CA MET C 268 -2.46 -17.32 -13.39
C MET C 268 -2.32 -18.60 -12.59
N ARG C 269 -3.31 -19.50 -12.72
CA ARG C 269 -3.36 -20.79 -12.06
C ARG C 269 -2.21 -21.68 -12.52
N SER C 270 -1.94 -21.70 -13.84
CA SER C 270 -0.84 -22.48 -14.42
C SER C 270 0.37 -21.57 -14.65
N LEU C 271 1.55 -22.17 -14.88
CA LEU C 271 2.78 -21.41 -15.14
C LEU C 271 2.80 -20.98 -16.63
N VAL C 272 1.84 -20.12 -16.98
CA VAL C 272 1.59 -19.58 -18.31
C VAL C 272 1.38 -18.07 -18.17
N CYS C 273 1.44 -17.34 -19.28
CA CYS C 273 1.30 -15.89 -19.26
C CYS C 273 -0.14 -15.41 -19.14
N PRO C 274 -0.39 -14.24 -18.51
CA PRO C 274 -1.75 -13.65 -18.54
C PRO C 274 -2.25 -13.42 -19.97
N TRP C 275 -3.60 -13.34 -20.15
CA TRP C 275 -4.29 -13.15 -21.44
C TRP C 275 -4.22 -14.39 -22.33
N LEU C 276 -3.06 -14.65 -22.99
CA LEU C 276 -2.87 -15.75 -23.93
C LEU C 276 -2.82 -17.14 -23.28
N ALA C 277 -2.41 -17.24 -21.99
CA ALA C 277 -2.29 -18.50 -21.23
C ALA C 277 -1.39 -19.52 -21.95
N ALA C 278 -0.21 -19.05 -22.41
CA ALA C 278 0.75 -19.86 -23.15
C ALA C 278 2.19 -19.78 -22.64
N LEU C 279 3.06 -20.60 -23.23
CA LEU C 279 4.49 -20.75 -22.96
C LEU C 279 5.27 -19.64 -23.70
N ALA C 280 4.83 -19.28 -24.93
CA ALA C 280 5.46 -18.26 -25.77
C ALA C 280 4.45 -17.11 -25.90
N CYS C 281 4.79 -15.94 -25.33
CA CYS C 281 3.89 -14.80 -25.30
C CYS C 281 4.53 -13.49 -25.74
N THR C 282 4.29 -12.43 -24.99
CA THR C 282 4.71 -11.07 -25.31
C THR C 282 5.38 -10.43 -24.08
N PRO C 283 6.35 -9.47 -24.22
CA PRO C 283 6.93 -8.82 -23.03
C PRO C 283 5.91 -8.32 -22.02
N SER C 284 4.94 -7.49 -22.47
CA SER C 284 3.89 -6.90 -21.62
C SER C 284 2.95 -7.95 -21.00
N LEU C 285 2.70 -9.09 -21.69
CA LEU C 285 1.86 -10.16 -21.14
C LEU C 285 2.60 -10.79 -19.96
N TRP C 286 3.89 -11.13 -20.14
CA TRP C 286 4.70 -11.70 -19.05
C TRP C 286 4.85 -10.70 -17.90
N GLN C 287 5.06 -9.41 -18.21
CA GLN C 287 5.25 -8.36 -17.19
C GLN C 287 4.04 -8.12 -16.30
N GLN C 288 2.84 -8.46 -16.79
CA GLN C 288 1.60 -8.27 -16.05
C GLN C 288 1.26 -9.45 -15.12
N GLY C 289 2.20 -10.37 -14.94
CA GLY C 289 2.06 -11.43 -13.95
C GLY C 289 2.17 -10.79 -12.58
N TRP C 290 1.46 -11.33 -11.59
CA TRP C 290 1.41 -10.79 -10.23
C TRP C 290 2.75 -10.64 -9.53
N ASN C 291 3.63 -11.64 -9.68
CA ASN C 291 4.90 -11.72 -8.96
C ASN C 291 6.14 -11.38 -9.80
N THR C 292 5.97 -10.65 -10.90
CA THR C 292 7.08 -10.31 -11.78
C THR C 292 7.99 -9.25 -11.19
N GLU C 293 9.21 -9.17 -11.72
CA GLU C 293 10.18 -8.14 -11.37
C GLU C 293 9.67 -6.79 -11.81
N PHE C 294 8.92 -6.72 -12.93
CA PHE C 294 8.34 -5.46 -13.40
C PHE C 294 7.38 -4.87 -12.36
N ILE C 295 6.40 -5.69 -11.89
CA ILE C 295 5.40 -5.28 -10.89
C ILE C 295 6.09 -4.90 -9.57
N ARG C 296 7.04 -5.75 -9.11
CA ARG C 296 7.80 -5.52 -7.88
C ARG C 296 8.58 -4.20 -7.95
N THR C 297 9.20 -3.92 -9.11
CA THR C 297 9.99 -2.69 -9.34
C THR C 297 9.07 -1.47 -9.30
N LEU C 298 7.94 -1.52 -10.03
CA LEU C 298 6.98 -0.42 -10.02
C LEU C 298 6.44 -0.12 -8.63
N ARG C 299 6.05 -1.17 -7.88
CA ARG C 299 5.43 -1.02 -6.57
C ARG C 299 6.37 -0.56 -5.45
N GLY C 300 7.68 -0.76 -5.62
CA GLY C 300 8.68 -0.33 -4.64
C GLY C 300 8.77 1.18 -4.58
N GLY C 301 9.29 1.72 -3.46
CA GLY C 301 9.45 3.16 -3.24
C GLY C 301 8.16 3.96 -3.33
N GLY C 302 7.05 3.35 -2.88
CA GLY C 302 5.74 3.97 -2.89
C GLY C 302 4.99 3.95 -4.21
N GLY C 303 5.44 3.13 -5.16
CA GLY C 303 4.79 2.96 -6.45
C GLY C 303 3.40 2.36 -6.34
N ASP C 304 3.12 1.70 -5.19
CA ASP C 304 1.83 1.10 -4.84
C ASP C 304 0.85 2.17 -4.29
N SER C 305 1.34 3.43 -4.17
CA SER C 305 0.55 4.59 -3.77
C SER C 305 0.43 5.51 -4.99
N ALA C 306 -0.63 6.33 -5.02
CA ALA C 306 -0.84 7.29 -6.11
C ALA C 306 0.17 8.44 -6.07
N TYR C 307 0.43 9.05 -7.24
CA TYR C 307 1.34 10.19 -7.39
C TYR C 307 0.56 11.48 -7.62
N VAL C 308 -0.67 11.34 -8.14
CA VAL C 308 -1.60 12.43 -8.45
C VAL C 308 -3.02 11.99 -8.02
N PRO C 309 -4.05 12.89 -7.93
CA PRO C 309 -5.40 12.39 -7.58
C PRO C 309 -5.86 11.27 -8.52
N THR C 310 -6.00 10.05 -7.96
CA THR C 310 -6.33 8.86 -8.75
C THR C 310 -7.67 8.25 -8.38
N THR C 311 -8.49 8.00 -9.41
CA THR C 311 -9.80 7.39 -9.32
C THR C 311 -9.71 6.04 -10.02
N THR C 312 -9.66 4.96 -9.24
CA THR C 312 -9.58 3.61 -9.82
C THR C 312 -11.00 3.05 -9.88
N ILE C 313 -11.38 2.41 -10.99
CA ILE C 313 -12.72 1.85 -11.18
C ILE C 313 -12.59 0.42 -11.70
N TYR C 314 -13.17 -0.55 -10.99
CA TYR C 314 -13.00 -1.96 -11.34
C TYR C 314 -14.17 -2.85 -10.95
N SER C 315 -14.22 -4.05 -11.56
CA SER C 315 -15.32 -5.00 -11.38
C SER C 315 -14.87 -6.41 -10.99
N THR C 316 -15.70 -7.12 -10.20
CA THR C 316 -15.49 -8.51 -9.79
C THR C 316 -15.53 -9.42 -11.04
N PHE C 317 -16.36 -9.05 -12.03
CA PHE C 317 -16.55 -9.86 -13.23
C PHE C 317 -15.47 -9.62 -14.30
N ASP C 318 -14.29 -9.14 -13.87
CA ASP C 318 -13.14 -8.91 -14.72
C ASP C 318 -12.60 -10.28 -15.15
N GLU C 319 -12.69 -10.58 -16.45
CA GLU C 319 -12.25 -11.88 -17.01
C GLU C 319 -10.76 -11.91 -17.38
N ILE C 320 -10.07 -10.77 -17.19
CA ILE C 320 -8.65 -10.62 -17.52
C ILE C 320 -7.79 -10.53 -16.27
N VAL C 321 -8.20 -9.70 -15.30
CA VAL C 321 -7.43 -9.42 -14.08
C VAL C 321 -8.17 -9.93 -12.85
N GLN C 322 -7.48 -10.72 -12.02
CA GLN C 322 -7.97 -11.19 -10.73
C GLN C 322 -6.82 -11.21 -9.73
N PRO C 323 -7.06 -10.87 -8.44
CA PRO C 323 -8.35 -10.44 -7.86
C PRO C 323 -8.72 -9.00 -8.25
N MET C 324 -10.02 -8.77 -8.46
CA MET C 324 -10.61 -7.47 -8.77
C MET C 324 -11.76 -7.20 -7.81
N SER C 325 -11.65 -7.77 -6.60
CA SER C 325 -12.54 -7.63 -5.46
C SER C 325 -11.71 -7.85 -4.19
N GLY C 326 -12.27 -7.48 -3.05
CA GLY C 326 -11.59 -7.64 -1.77
C GLY C 326 -10.48 -6.64 -1.54
N SER C 327 -9.86 -6.75 -0.36
CA SER C 327 -8.80 -5.85 0.10
C SER C 327 -7.50 -5.98 -0.67
N GLN C 328 -7.33 -7.03 -1.49
CA GLN C 328 -6.08 -7.23 -2.23
C GLN C 328 -6.23 -6.98 -3.73
N ALA C 329 -7.38 -6.41 -4.15
CA ALA C 329 -7.68 -6.12 -5.55
C ALA C 329 -6.52 -5.39 -6.22
N SER C 330 -6.10 -5.90 -7.38
CA SER C 330 -4.99 -5.37 -8.18
C SER C 330 -5.15 -3.88 -8.51
N ALA C 331 -6.40 -3.39 -8.61
CA ALA C 331 -6.72 -2.01 -8.93
C ALA C 331 -6.53 -1.03 -7.77
N ILE C 332 -6.36 -1.52 -6.54
CA ILE C 332 -6.22 -0.66 -5.37
C ILE C 332 -4.87 0.05 -5.29
N LEU C 333 -4.91 1.37 -5.09
CA LEU C 333 -3.70 2.15 -4.82
C LEU C 333 -3.87 2.71 -3.42
N SER C 334 -2.78 2.72 -2.63
CA SER C 334 -2.78 3.33 -1.30
C SER C 334 -2.58 4.85 -1.51
N ASP C 335 -2.67 5.64 -0.44
CA ASP C 335 -2.49 7.09 -0.55
C ASP C 335 -1.50 7.63 0.48
N SER C 336 -0.31 7.03 0.54
CA SER C 336 0.74 7.45 1.47
C SER C 336 1.28 8.87 1.18
N ARG C 337 1.16 9.35 -0.08
CA ARG C 337 1.61 10.70 -0.44
C ARG C 337 0.54 11.75 -0.14
N ALA C 338 -0.69 11.29 0.17
CA ALA C 338 -1.86 12.13 0.48
C ALA C 338 -2.20 13.11 -0.67
N VAL C 339 -2.36 12.55 -1.88
CA VAL C 339 -2.73 13.27 -3.10
C VAL C 339 -4.24 13.13 -3.40
N GLY C 340 -4.87 12.16 -2.73
CA GLY C 340 -6.30 11.87 -2.87
C GLY C 340 -6.53 10.68 -3.78
N VAL C 341 -7.05 9.57 -3.21
CA VAL C 341 -7.34 8.35 -3.95
C VAL C 341 -8.74 7.82 -3.60
N SER C 342 -9.43 7.31 -4.61
CA SER C 342 -10.70 6.62 -4.45
C SER C 342 -10.61 5.33 -5.24
N ASN C 343 -10.81 4.21 -4.55
CA ASN C 343 -10.79 2.86 -5.13
C ASN C 343 -12.24 2.43 -5.20
N ASN C 344 -12.77 2.44 -6.42
CA ASN C 344 -14.18 2.24 -6.67
C ASN C 344 -14.54 0.90 -7.27
N HIS C 345 -15.03 0.00 -6.40
CA HIS C 345 -15.43 -1.35 -6.76
C HIS C 345 -16.93 -1.33 -7.06
N LEU C 346 -17.30 -1.62 -8.33
CA LEU C 346 -18.71 -1.59 -8.79
C LEU C 346 -19.66 -2.39 -7.94
N GLN C 347 -19.28 -3.63 -7.58
CA GLN C 347 -20.12 -4.55 -6.81
C GLN C 347 -20.25 -4.14 -5.34
N THR C 348 -19.41 -3.19 -4.89
CA THR C 348 -19.48 -2.64 -3.55
C THR C 348 -20.42 -1.42 -3.52
N ILE C 349 -20.10 -0.39 -4.34
CA ILE C 349 -20.86 0.85 -4.44
C ILE C 349 -22.29 0.60 -4.95
N CYS C 350 -22.43 -0.17 -6.04
CA CYS C 350 -23.73 -0.51 -6.63
C CYS C 350 -24.15 -1.97 -6.37
N GLY C 351 -23.78 -2.50 -5.21
CA GLY C 351 -24.12 -3.85 -4.80
C GLY C 351 -25.61 -4.13 -4.87
N GLY C 352 -25.97 -5.20 -5.58
CA GLY C 352 -27.36 -5.61 -5.78
C GLY C 352 -28.17 -4.79 -6.75
N LYS C 353 -27.56 -3.75 -7.36
CA LYS C 353 -28.21 -2.84 -8.31
C LYS C 353 -27.73 -3.12 -9.76
N PRO C 354 -28.47 -2.67 -10.81
CA PRO C 354 -28.02 -2.94 -12.19
C PRO C 354 -26.56 -2.56 -12.53
N ALA C 355 -26.05 -1.41 -12.04
CA ALA C 355 -24.68 -0.94 -12.30
C ALA C 355 -23.61 -1.78 -11.60
N GLY C 356 -24.02 -2.62 -10.66
CA GLY C 356 -23.14 -3.52 -9.93
C GLY C 356 -23.21 -4.95 -10.45
N GLY C 357 -23.72 -5.09 -11.68
CA GLY C 357 -23.89 -6.38 -12.35
C GLY C 357 -22.64 -6.88 -13.04
N VAL C 358 -22.84 -7.69 -14.09
CA VAL C 358 -21.76 -8.33 -14.85
C VAL C 358 -21.09 -7.34 -15.81
N TYR C 359 -20.08 -6.63 -15.31
CA TYR C 359 -19.29 -5.71 -16.10
C TYR C 359 -17.91 -6.30 -16.23
N THR C 360 -17.54 -6.64 -17.46
CA THR C 360 -16.27 -7.27 -17.78
C THR C 360 -15.11 -6.25 -17.63
N HIS C 361 -13.88 -6.70 -17.91
CA HIS C 361 -12.66 -5.89 -17.89
C HIS C 361 -12.85 -4.66 -18.79
N GLU C 362 -13.33 -4.90 -20.03
CA GLU C 362 -13.66 -3.90 -21.03
C GLU C 362 -15.01 -3.24 -20.73
N GLY C 363 -15.92 -4.01 -20.12
CA GLY C 363 -17.27 -3.56 -19.75
C GLY C 363 -17.35 -2.38 -18.82
N VAL C 364 -16.31 -2.16 -17.97
CA VAL C 364 -16.25 -1.03 -17.04
C VAL C 364 -16.21 0.31 -17.83
N LEU C 365 -15.73 0.28 -19.10
CA LEU C 365 -15.70 1.44 -20.00
C LEU C 365 -17.09 1.97 -20.34
N TYR C 366 -18.13 1.10 -20.32
CA TYR C 366 -19.52 1.52 -20.57
C TYR C 366 -20.39 1.46 -19.30
N ASN C 367 -19.75 1.35 -18.11
CA ASN C 367 -20.46 1.29 -16.85
C ASN C 367 -20.93 2.68 -16.40
N PRO C 368 -22.21 2.82 -15.96
CA PRO C 368 -22.71 4.15 -15.56
C PRO C 368 -22.04 4.77 -14.33
N LEU C 369 -21.61 3.92 -13.37
CA LEU C 369 -20.92 4.42 -12.17
C LEU C 369 -19.53 4.94 -12.53
N ALA C 370 -18.83 4.22 -13.43
CA ALA C 370 -17.51 4.61 -13.93
C ALA C 370 -17.58 5.99 -14.58
N TRP C 371 -18.64 6.24 -15.38
CA TRP C 371 -18.88 7.52 -16.06
C TRP C 371 -19.17 8.64 -15.07
N ALA C 372 -20.05 8.39 -14.08
CA ALA C 372 -20.42 9.34 -13.02
C ALA C 372 -19.20 9.73 -12.19
N LEU C 373 -18.34 8.76 -11.85
CA LEU C 373 -17.12 8.99 -11.09
C LEU C 373 -16.08 9.75 -11.87
N ALA C 374 -15.97 9.48 -13.19
CA ALA C 374 -15.03 10.18 -14.08
C ALA C 374 -15.44 11.66 -14.20
N VAL C 375 -16.76 11.93 -14.34
CA VAL C 375 -17.32 13.30 -14.43
C VAL C 375 -17.08 14.05 -13.11
N ASP C 376 -17.38 13.40 -11.97
CA ASP C 376 -17.21 13.95 -10.62
C ASP C 376 -15.73 14.28 -10.32
N ALA C 377 -14.80 13.39 -10.76
CA ALA C 377 -13.35 13.57 -10.60
C ALA C 377 -12.84 14.78 -11.37
N LEU C 378 -13.37 14.99 -12.59
CA LEU C 378 -12.99 16.11 -13.47
C LEU C 378 -13.57 17.46 -13.05
N SER C 379 -14.68 17.46 -12.32
CA SER C 379 -15.38 18.69 -11.88
C SER C 379 -15.06 19.13 -10.45
N HIS C 380 -14.32 18.30 -9.69
CA HIS C 380 -13.95 18.59 -8.30
C HIS C 380 -12.45 18.39 -8.09
N ASP C 381 -11.86 19.11 -7.10
CA ASP C 381 -10.46 18.94 -6.72
C ASP C 381 -10.34 17.53 -6.11
N GLY C 382 -9.26 16.83 -6.43
CA GLY C 382 -9.04 15.48 -5.94
C GLY C 382 -9.71 14.41 -6.78
N PRO C 383 -9.84 13.17 -6.28
CA PRO C 383 -10.44 12.09 -7.09
C PRO C 383 -11.97 12.08 -7.10
N GLY C 384 -12.55 11.13 -7.85
CA GLY C 384 -13.99 10.92 -7.91
C GLY C 384 -14.48 10.40 -6.58
N ASP C 385 -15.60 10.92 -6.10
CA ASP C 385 -16.16 10.56 -4.80
C ASP C 385 -17.60 10.06 -4.95
N PRO C 386 -17.88 8.77 -4.66
CA PRO C 386 -19.27 8.26 -4.78
C PRO C 386 -20.26 8.93 -3.82
N SER C 387 -19.75 9.55 -2.73
CA SER C 387 -20.54 10.27 -1.71
C SER C 387 -21.18 11.53 -2.30
N ARG C 388 -20.59 12.09 -3.37
CA ARG C 388 -21.09 13.27 -4.07
C ARG C 388 -22.09 12.89 -5.18
N LEU C 389 -22.34 11.58 -5.37
CA LEU C 389 -23.25 11.07 -6.41
C LEU C 389 -24.61 10.67 -5.87
N ASP C 390 -25.63 10.69 -6.74
CA ASP C 390 -26.97 10.22 -6.40
C ASP C 390 -26.91 8.76 -6.83
N LEU C 391 -26.52 7.88 -5.90
CA LEU C 391 -26.32 6.46 -6.15
C LEU C 391 -27.59 5.71 -6.55
N ASP C 392 -28.79 6.18 -6.14
CA ASP C 392 -30.03 5.53 -6.53
C ASP C 392 -30.26 5.62 -8.05
N VAL C 393 -30.01 6.81 -8.63
CA VAL C 393 -30.12 7.08 -10.07
C VAL C 393 -28.98 6.38 -10.81
N VAL C 394 -27.73 6.68 -10.41
CA VAL C 394 -26.50 6.14 -11.00
C VAL C 394 -26.47 4.60 -10.99
N CYS C 395 -26.69 3.95 -9.83
CA CYS C 395 -26.67 2.49 -9.72
C CYS C 395 -27.87 1.81 -10.42
N GLY C 396 -28.96 2.55 -10.60
CA GLY C 396 -30.16 2.07 -11.28
C GLY C 396 -29.94 1.93 -12.78
N ARG C 397 -28.98 2.70 -13.31
CA ARG C 397 -28.63 2.69 -14.74
C ARG C 397 -27.84 1.43 -15.11
N VAL C 398 -27.83 1.13 -16.41
CA VAL C 398 -27.13 -0.02 -16.99
C VAL C 398 -25.99 0.50 -17.91
N LEU C 399 -26.20 1.69 -18.49
CA LEU C 399 -25.24 2.38 -19.34
C LEU C 399 -25.31 3.86 -18.95
N PRO C 400 -24.25 4.70 -19.17
CA PRO C 400 -24.41 6.14 -18.91
C PRO C 400 -25.39 6.73 -19.92
N PRO C 401 -26.06 7.89 -19.66
CA PRO C 401 -26.99 8.45 -20.67
C PRO C 401 -26.34 8.74 -22.02
N GLN C 402 -25.00 8.96 -22.03
CA GLN C 402 -24.18 9.28 -23.20
C GLN C 402 -23.91 8.09 -24.13
N LEU C 403 -24.13 6.86 -23.65
CA LEU C 403 -23.88 5.67 -24.47
C LEU C 403 -25.14 4.86 -24.72
N GLY C 404 -25.18 4.18 -25.86
CA GLY C 404 -26.30 3.33 -26.26
C GLY C 404 -25.89 1.89 -26.52
N LEU C 405 -26.79 1.11 -27.14
CA LEU C 405 -26.57 -0.29 -27.48
C LEU C 405 -25.31 -0.54 -28.31
N ASP C 406 -25.11 0.25 -29.39
CA ASP C 406 -23.94 0.12 -30.26
C ASP C 406 -22.63 0.33 -29.53
N ASP C 407 -22.65 1.18 -28.49
CA ASP C 407 -21.48 1.48 -27.67
C ASP C 407 -21.09 0.28 -26.81
N LEU C 408 -22.08 -0.46 -26.30
CA LEU C 408 -21.89 -1.67 -25.51
C LEU C 408 -21.26 -2.74 -26.40
N LEU C 409 -21.92 -3.08 -27.52
CA LEU C 409 -21.47 -4.09 -28.50
C LEU C 409 -20.11 -3.74 -29.09
N GLY C 410 -19.93 -2.47 -29.45
CA GLY C 410 -18.68 -1.96 -30.01
C GLY C 410 -17.50 -2.07 -29.06
N THR C 411 -17.71 -1.75 -27.77
CA THR C 411 -16.68 -1.87 -26.73
C THR C 411 -16.31 -3.36 -26.59
N GLU C 412 -17.33 -4.25 -26.53
CA GLU C 412 -17.12 -5.69 -26.40
C GLU C 412 -16.29 -6.27 -27.54
N GLY C 413 -16.48 -5.74 -28.75
CA GLY C 413 -15.76 -6.15 -29.95
C GLY C 413 -14.27 -5.93 -29.94
N LEU C 414 -13.72 -5.11 -28.99
CA LEU C 414 -12.28 -4.85 -28.90
C LEU C 414 -11.44 -6.12 -28.68
N LEU C 415 -12.04 -7.14 -28.03
CA LEU C 415 -11.39 -8.42 -27.71
C LEU C 415 -10.91 -9.14 -28.97
N LEU C 416 -11.64 -8.97 -30.10
CA LEU C 416 -11.30 -9.56 -31.39
C LEU C 416 -9.99 -8.97 -31.92
N ILE C 417 -9.77 -7.66 -31.69
CA ILE C 417 -8.53 -6.95 -32.07
C ILE C 417 -7.40 -7.38 -31.14
N ALA C 418 -7.70 -7.45 -29.81
CA ALA C 418 -6.73 -7.86 -28.79
C ALA C 418 -6.17 -9.24 -29.13
N LEU C 419 -7.04 -10.20 -29.50
CA LEU C 419 -6.60 -11.53 -29.89
C LEU C 419 -5.74 -11.49 -31.17
N ALA C 420 -6.19 -10.76 -32.22
CA ALA C 420 -5.44 -10.62 -33.47
C ALA C 420 -4.04 -10.07 -33.21
N GLU C 421 -3.96 -8.98 -32.42
CA GLU C 421 -2.70 -8.33 -32.06
C GLU C 421 -1.78 -9.27 -31.28
N VAL C 422 -2.32 -10.02 -30.29
CA VAL C 422 -1.55 -10.96 -29.47
C VAL C 422 -0.94 -12.06 -30.36
N LEU C 423 -1.76 -12.70 -31.21
CA LEU C 423 -1.35 -13.79 -32.08
C LEU C 423 -0.36 -13.36 -33.15
N ALA C 424 -0.51 -12.14 -33.69
CA ALA C 424 0.40 -11.63 -34.72
C ALA C 424 1.75 -11.16 -34.18
N TYR C 425 1.83 -10.84 -32.87
CA TYR C 425 3.07 -10.37 -32.24
C TYR C 425 4.19 -11.39 -32.43
N LYS C 426 5.26 -10.98 -33.13
CA LYS C 426 6.41 -11.82 -33.41
C LYS C 426 7.72 -11.05 -33.23
N PRO C 427 8.77 -11.66 -32.63
CA PRO C 427 8.83 -13.01 -32.06
C PRO C 427 8.27 -13.08 -30.65
N LYS C 428 7.60 -14.21 -30.33
CA LYS C 428 7.04 -14.44 -29.01
C LYS C 428 8.17 -14.67 -28.01
N THR C 429 7.98 -14.23 -26.75
CA THR C 429 8.99 -14.36 -25.69
C THR C 429 8.56 -15.39 -24.64
N PHE C 430 9.53 -15.91 -23.86
CA PHE C 430 9.28 -16.94 -22.86
C PHE C 430 9.26 -16.43 -21.42
N GLY C 431 9.62 -15.16 -21.25
CA GLY C 431 9.64 -14.49 -19.97
C GLY C 431 9.80 -12.99 -20.11
N GLU C 432 9.65 -12.27 -19.00
CA GLU C 432 9.73 -10.82 -18.92
C GLU C 432 11.11 -10.26 -19.25
N PRO C 433 11.22 -9.04 -19.84
CA PRO C 433 12.55 -8.50 -20.13
C PRO C 433 13.24 -7.95 -18.88
N ALA C 434 14.52 -7.58 -19.03
CA ALA C 434 15.34 -7.01 -17.96
C ALA C 434 14.73 -5.67 -17.51
N ILE C 435 14.95 -5.31 -16.24
CA ILE C 435 14.47 -4.03 -15.71
C ILE C 435 15.40 -2.93 -16.24
N ALA C 436 14.83 -1.78 -16.64
CA ALA C 436 15.55 -0.62 -17.14
C ALA C 436 16.50 -0.09 -16.06
N SER C 437 17.72 0.33 -16.48
CA SER C 437 18.79 0.81 -15.59
C SER C 437 18.36 1.90 -14.60
N TYR C 438 17.50 2.85 -15.03
CA TYR C 438 17.01 3.91 -14.16
C TYR C 438 16.09 3.42 -13.03
N ALA C 439 15.51 2.21 -13.18
CA ALA C 439 14.58 1.59 -12.24
C ALA C 439 15.21 0.49 -11.38
N HIS C 440 16.30 -0.13 -11.89
CA HIS C 440 17.01 -1.20 -11.20
C HIS C 440 17.97 -0.63 -10.18
CA CA D . 34.09 35.95 15.52
S SO4 E . 36.37 26.47 -2.43
O1 SO4 E . 36.63 27.91 -2.27
O2 SO4 E . 36.90 26.03 -3.72
O3 SO4 E . 37.03 25.75 -1.35
O4 SO4 E . 34.94 26.22 -2.38
CA CA F . -18.23 -39.88 -4.24
CA CA G . -10.19 16.14 -9.88
S SO4 H . 8.54 10.09 -4.33
O1 SO4 H . 8.24 11.49 -4.66
O2 SO4 H . 9.84 10.02 -3.65
O3 SO4 H . 7.51 9.57 -3.43
O4 SO4 H . 8.56 9.33 -5.56
#